data_2F74
#
_entry.id   2F74
#
_cell.length_a   68.142
_cell.length_b   65.197
_cell.length_c   101.941
_cell.angle_alpha   90.00
_cell.angle_beta   102.43
_cell.angle_gamma   90.00
#
_symmetry.space_group_name_H-M   'P 1 21 1'
#
loop_
_entity.id
_entity.type
_entity.pdbx_description
1 polymer 'H-2 class I histocompatibility antigen, D-B alpha chain'
2 polymer Beta-2-microglobulin
3 polymer 'NONAMERIC PEPTIDE, GP33, DERIVED FROM LYMPHOCYTIC CHORIOMENINGITIS VIRUS'
4 water water
#
loop_
_entity_poly.entity_id
_entity_poly.type
_entity_poly.pdbx_seq_one_letter_code
_entity_poly.pdbx_strand_id
1 'polypeptide(L)'
;GPHSMRYFETAVSRPGLEEPRYISVGYVDNKEFVRFDSDAENPRYEPRAPWMEQEGPEYWERETQKAKGQEQWFRVSLRN
LLGYYNQSAGGSHTLQQMSGCDLGSDWRLLRGYLQFAYEGRDYIALNEDLKTWTAADMAAQITRRKWEQSGAAEHYKAYL
EGECVEWLHRYLKNGNATLLRTDSPKAHVTHHPRSKGEVTLRCWALGFYPADITLTWQLNGEELTQDMELVETRPAGDGT
FQKWASVVVPLGKEQNYTCRVYHEGLPEPLTLRWEP
;
A,D
2 'polypeptide(L)'
;MIQRTPKIQVYSRHPAENGKSNFLNCYVSGFHPSDIEVDLLKNGERIEKVEHSDLSFSKDWSFYLLYYTEFTPTEKDEYA
CRVNHVTLSQPKIVKWDRDM
;
B,E
3 'polypeptide(L)' KAVYNFATM C,F
#
# COMPACT_ATOMS: atom_id res chain seq x y z
N PRO A 2 16.73 13.77 -11.71
CA PRO A 2 15.71 14.02 -10.62
C PRO A 2 14.96 15.40 -10.67
N HIS A 3 13.65 15.40 -10.96
CA HIS A 3 12.80 16.61 -10.91
C HIS A 3 11.64 16.31 -10.01
N SER A 4 10.85 17.33 -9.69
CA SER A 4 9.78 17.20 -8.69
C SER A 4 8.78 18.35 -8.67
N MET A 5 7.55 18.05 -8.23
CA MET A 5 6.51 19.04 -8.14
C MET A 5 5.86 18.96 -6.77
N ARG A 6 5.42 20.09 -6.22
CA ARG A 6 4.80 20.12 -4.92
C ARG A 6 3.82 21.25 -4.80
N TYR A 7 2.70 21.01 -4.14
CA TYR A 7 1.79 22.13 -3.81
C TYR A 7 1.65 22.08 -2.31
N PHE A 8 1.93 23.24 -1.73
CA PHE A 8 2.03 23.39 -0.30
C PHE A 8 0.87 24.22 0.06
N GLU A 9 -0.08 23.64 0.78
CA GLU A 9 -1.31 24.34 1.12
C GLU A 9 -1.48 24.61 2.63
N THR A 10 -1.95 25.77 2.94
CA THR A 10 -2.16 26.14 4.32
C THR A 10 -3.51 26.81 4.46
N ALA A 11 -4.13 26.61 5.60
CA ALA A 11 -5.37 27.32 5.93
C ALA A 11 -5.36 27.54 7.39
N VAL A 12 -5.63 28.75 7.80
CA VAL A 12 -5.65 29.13 9.19
C VAL A 12 -7.03 29.73 9.53
N SER A 13 -7.70 29.12 10.50
CA SER A 13 -9.06 29.44 10.86
C SER A 13 -9.00 30.60 11.78
N ARG A 14 -9.88 31.57 11.55
CA ARG A 14 -9.93 32.80 12.34
C ARG A 14 -11.15 32.74 13.29
N PRO A 15 -11.04 33.38 14.46
CA PRO A 15 -12.19 33.55 15.38
C PRO A 15 -13.06 34.68 14.95
N GLY A 16 -14.37 34.44 14.92
CA GLY A 16 -15.38 35.42 14.51
C GLY A 16 -15.70 35.27 13.02
N LEU A 17 -14.90 35.98 12.21
CA LEU A 17 -14.96 36.00 10.73
C LEU A 17 -14.74 34.62 10.16
N GLU A 18 -15.80 33.78 10.09
CA GLU A 18 -15.66 32.27 9.95
C GLU A 18 -15.22 31.68 8.56
N GLU A 19 -14.62 32.57 7.77
CA GLU A 19 -13.63 32.22 6.73
C GLU A 19 -12.17 32.21 7.24
N PRO A 20 -11.58 31.06 7.17
CA PRO A 20 -10.14 30.93 7.22
C PRO A 20 -9.43 31.57 6.06
N ARG A 21 -8.25 32.10 6.31
CA ARG A 21 -7.29 32.43 5.27
C ARG A 21 -6.77 31.17 4.67
N TYR A 22 -6.75 31.08 3.35
CA TYR A 22 -6.25 29.88 2.65
C TYR A 22 -5.16 30.33 1.71
N ILE A 23 -4.04 29.62 1.76
CA ILE A 23 -2.88 29.95 0.97
C ILE A 23 -2.39 28.69 0.33
N SER A 24 -2.09 28.76 -0.97
CA SER A 24 -1.48 27.64 -1.67
C SER A 24 -0.33 28.10 -2.51
N VAL A 25 0.76 27.35 -2.53
CA VAL A 25 1.90 27.67 -3.36
C VAL A 25 2.42 26.44 -4.07
N GLY A 26 2.67 26.51 -5.37
CA GLY A 26 3.14 25.36 -6.10
C GLY A 26 4.58 25.51 -6.43
N TYR A 27 5.36 24.48 -6.13
CA TYR A 27 6.78 24.41 -6.47
C TYR A 27 7.04 23.42 -7.58
N VAL A 28 7.98 23.76 -8.45
CA VAL A 28 8.58 22.87 -9.42
C VAL A 28 10.09 22.90 -9.19
N ASP A 29 10.71 21.73 -9.00
CA ASP A 29 12.13 21.64 -8.62
C ASP A 29 12.42 22.71 -7.56
N ASN A 30 11.73 22.64 -6.43
CA ASN A 30 11.82 23.61 -5.33
C ASN A 30 11.75 25.11 -5.67
N LYS A 31 11.20 25.47 -6.83
CA LYS A 31 11.00 26.89 -7.20
C LYS A 31 9.53 27.29 -7.18
N GLU A 32 9.19 28.34 -6.44
CA GLU A 32 7.82 28.89 -6.49
C GLU A 32 7.46 29.32 -7.93
N PHE A 33 6.46 28.66 -8.50
CA PHE A 33 5.93 28.96 -9.82
C PHE A 33 4.46 29.42 -9.86
N VAL A 34 3.66 29.14 -8.84
CA VAL A 34 2.31 29.66 -8.75
C VAL A 34 1.91 29.93 -7.29
N ARG A 35 0.84 30.71 -7.12
CA ARG A 35 0.36 31.05 -5.80
C ARG A 35 -1.08 31.44 -5.80
N PHE A 36 -1.77 31.15 -4.71
CA PHE A 36 -3.13 31.58 -4.47
C PHE A 36 -3.22 32.00 -3.03
N ASP A 37 -3.75 33.16 -2.75
CA ASP A 37 -3.83 33.60 -1.36
C ASP A 37 -5.19 34.22 -1.23
N SER A 38 -6.05 33.60 -0.43
CA SER A 38 -7.45 34.05 -0.29
C SER A 38 -7.62 35.49 0.26
N ASP A 39 -6.78 35.84 1.22
CA ASP A 39 -6.70 37.14 1.87
C ASP A 39 -6.35 38.23 0.91
N ALA A 40 -5.82 37.89 -0.24
CA ALA A 40 -5.56 38.89 -1.27
C ALA A 40 -6.86 39.50 -1.70
N GLU A 41 -6.77 40.73 -2.18
CA GLU A 41 -7.94 41.51 -2.52
C GLU A 41 -8.75 40.79 -3.57
N ASN A 42 -8.13 40.41 -4.68
CA ASN A 42 -8.75 39.58 -5.69
C ASN A 42 -8.02 38.19 -5.79
N PRO A 43 -8.58 37.19 -5.13
CA PRO A 43 -7.99 35.83 -5.25
C PRO A 43 -7.88 35.19 -6.61
N ARG A 44 -6.77 34.56 -6.91
CA ARG A 44 -6.57 33.91 -8.19
C ARG A 44 -5.18 33.28 -8.15
N TYR A 45 -5.02 32.06 -8.66
CA TYR A 45 -3.68 31.55 -8.81
C TYR A 45 -2.96 32.55 -9.70
N GLU A 46 -1.71 32.85 -9.39
CA GLU A 46 -0.92 33.76 -10.21
C GLU A 46 0.37 33.13 -10.60
N PRO A 47 0.98 33.60 -11.66
CA PRO A 47 2.33 33.16 -12.02
C PRO A 47 3.36 33.83 -11.15
N ARG A 48 4.35 33.06 -10.72
CA ARG A 48 5.34 33.49 -9.74
C ARG A 48 6.80 33.28 -10.17
N ALA A 49 6.95 32.87 -11.43
CA ALA A 49 8.22 32.90 -12.16
C ALA A 49 7.84 33.23 -13.59
N PRO A 50 8.72 33.88 -14.34
CA PRO A 50 8.34 34.47 -15.65
C PRO A 50 7.88 33.46 -16.71
N TRP A 51 8.35 32.22 -16.59
CA TRP A 51 8.11 31.19 -17.59
C TRP A 51 6.66 30.65 -17.59
N MET A 52 5.88 30.95 -16.56
CA MET A 52 4.49 30.52 -16.53
C MET A 52 3.51 31.39 -17.31
N GLU A 53 3.85 32.65 -17.57
CA GLU A 53 2.89 33.59 -18.18
C GLU A 53 2.13 33.07 -19.42
N GLN A 54 2.77 32.19 -20.19
CA GLN A 54 2.26 31.74 -21.49
C GLN A 54 1.06 30.78 -21.40
N GLU A 55 0.82 30.19 -20.24
CA GLU A 55 -0.38 29.37 -20.07
C GLU A 55 -1.61 30.30 -20.25
N GLY A 56 -2.52 29.89 -21.11
CA GLY A 56 -3.63 30.75 -21.51
C GLY A 56 -4.52 31.06 -20.32
N PRO A 57 -5.62 31.77 -20.55
CA PRO A 57 -6.49 32.18 -19.46
C PRO A 57 -7.26 31.02 -18.90
N GLU A 58 -7.56 30.05 -19.77
CA GLU A 58 -8.39 28.89 -19.44
C GLU A 58 -7.68 28.03 -18.36
N TYR A 59 -6.36 28.06 -18.38
CA TYR A 59 -5.60 27.44 -17.31
C TYR A 59 -5.76 28.14 -15.94
N TRP A 60 -5.74 29.47 -15.92
CA TRP A 60 -5.77 30.19 -14.64
C TRP A 60 -7.12 30.15 -13.99
N GLU A 61 -8.21 30.21 -14.78
CA GLU A 61 -9.57 30.03 -14.23
C GLU A 61 -9.70 28.65 -13.63
N ARG A 62 -9.37 27.62 -14.41
CA ARG A 62 -9.48 26.21 -13.98
C ARG A 62 -8.79 26.08 -12.66
N GLU A 63 -7.55 26.56 -12.65
CA GLU A 63 -6.72 26.42 -11.47
C GLU A 63 -7.37 27.11 -10.30
N THR A 64 -7.87 28.31 -10.57
CA THR A 64 -8.43 29.16 -9.55
C THR A 64 -9.68 28.52 -8.94
N GLN A 65 -10.45 27.75 -9.71
CA GLN A 65 -11.67 27.14 -9.16
C GLN A 65 -11.29 26.02 -8.22
N LYS A 66 -10.20 25.30 -8.54
CA LYS A 66 -9.74 24.27 -7.64
C LYS A 66 -9.45 24.95 -6.31
N ALA A 67 -8.84 26.12 -6.37
CA ALA A 67 -8.43 26.78 -5.14
C ALA A 67 -9.68 27.01 -4.27
N LYS A 68 -10.67 27.69 -4.83
CA LYS A 68 -11.90 27.94 -4.11
C LYS A 68 -12.51 26.59 -3.66
N GLY A 69 -12.37 25.55 -4.45
CA GLY A 69 -12.74 24.24 -3.97
C GLY A 69 -12.03 23.85 -2.69
N GLN A 70 -10.71 23.95 -2.71
CA GLN A 70 -9.88 23.53 -1.59
C GLN A 70 -10.22 24.40 -0.43
N GLU A 71 -10.38 25.69 -0.67
CA GLU A 71 -10.67 26.60 0.43
C GLU A 71 -11.79 26.02 1.26
N GLN A 72 -12.86 25.58 0.60
CA GLN A 72 -14.03 24.98 1.25
C GLN A 72 -13.67 23.70 1.96
N TRP A 73 -12.90 22.83 1.33
CA TRP A 73 -12.62 21.55 1.94
C TRP A 73 -11.85 21.75 3.24
N PHE A 74 -11.11 22.86 3.29
CA PHE A 74 -10.28 23.20 4.41
C PHE A 74 -11.11 23.88 5.40
N ARG A 75 -12.01 24.71 4.95
CA ARG A 75 -13.08 25.24 5.84
C ARG A 75 -13.74 24.05 6.62
N VAL A 76 -14.14 22.99 5.92
CA VAL A 76 -14.97 21.97 6.53
C VAL A 76 -14.11 21.07 7.36
N SER A 77 -12.94 20.71 6.85
CA SER A 77 -12.02 19.79 7.54
C SER A 77 -11.56 20.35 8.86
N LEU A 78 -11.09 21.60 8.83
CA LEU A 78 -11.00 22.51 10.03
C LEU A 78 -12.10 22.46 11.09
N ARG A 79 -13.36 22.41 10.69
CA ARG A 79 -14.50 22.14 11.64
C ARG A 79 -14.40 20.70 12.15
N ASN A 80 -14.67 19.77 11.26
CA ASN A 80 -14.53 18.34 11.60
C ASN A 80 -13.44 18.11 12.66
N LEU A 81 -12.29 18.76 12.52
CA LEU A 81 -11.18 18.44 13.42
C LEU A 81 -11.48 18.91 14.78
N LEU A 82 -11.77 20.22 14.88
CA LEU A 82 -12.26 20.81 16.11
C LEU A 82 -13.17 19.84 16.93
N GLY A 83 -14.09 19.14 16.30
CA GLY A 83 -14.90 18.16 16.98
C GLY A 83 -14.14 16.95 17.53
N TYR A 84 -13.30 16.35 16.70
CA TYR A 84 -12.48 15.24 17.08
C TYR A 84 -11.67 15.62 18.33
N TYR A 85 -10.83 16.64 18.23
CA TYR A 85 -10.01 17.12 19.39
C TYR A 85 -10.74 17.85 20.53
N ASN A 86 -12.01 18.10 20.33
CA ASN A 86 -12.75 18.89 21.28
C ASN A 86 -12.08 20.24 21.70
N GLN A 87 -11.91 21.14 20.73
CA GLN A 87 -11.38 22.47 20.99
C GLN A 87 -12.41 23.56 20.72
N SER A 88 -12.06 24.78 21.12
CA SER A 88 -12.96 25.94 21.06
C SER A 88 -13.06 26.71 19.71
N ALA A 89 -14.34 26.88 19.31
CA ALA A 89 -14.79 27.85 18.30
C ALA A 89 -14.55 29.18 18.97
N GLY A 90 -13.31 29.69 18.82
CA GLY A 90 -12.77 30.78 19.65
C GLY A 90 -11.26 30.73 19.85
N GLY A 91 -10.57 30.38 18.79
CA GLY A 91 -9.14 30.25 18.89
C GLY A 91 -8.66 29.86 17.50
N SER A 92 -7.40 30.07 17.18
CA SER A 92 -6.99 29.85 15.81
C SER A 92 -6.31 28.56 15.62
N HIS A 93 -6.67 27.90 14.51
CA HIS A 93 -6.22 26.54 14.20
C HIS A 93 -5.64 26.44 12.80
N THR A 94 -4.69 25.57 12.61
CA THR A 94 -3.92 25.57 11.40
C THR A 94 -3.94 24.17 10.81
N LEU A 95 -4.16 24.07 9.50
CA LEU A 95 -4.10 22.79 8.81
C LEU A 95 -3.41 23.03 7.53
N GLN A 96 -2.51 22.13 7.22
CA GLN A 96 -1.64 22.20 6.05
C GLN A 96 -1.64 20.88 5.25
N GLN A 97 -1.19 20.96 4.02
CA GLN A 97 -1.15 19.80 3.13
C GLN A 97 0.08 19.92 2.23
N MET A 98 0.72 18.78 1.99
CA MET A 98 1.76 18.69 1.00
C MET A 98 1.37 17.57 0.08
N SER A 99 1.47 17.84 -1.22
CA SER A 99 1.16 16.89 -2.29
C SER A 99 2.13 17.13 -3.46
N GLY A 100 2.40 16.06 -4.19
CA GLY A 100 3.15 16.15 -5.42
C GLY A 100 3.92 14.92 -5.82
N CYS A 101 4.76 15.06 -6.82
CA CYS A 101 5.49 13.92 -7.33
C CYS A 101 6.98 14.15 -7.45
N ASP A 102 7.76 13.09 -7.24
CA ASP A 102 9.21 13.12 -7.53
C ASP A 102 9.44 12.27 -8.77
N LEU A 103 10.12 12.83 -9.74
CA LEU A 103 10.56 12.08 -10.88
C LEU A 103 12.04 11.83 -10.79
N GLY A 104 12.48 10.78 -11.46
CA GLY A 104 13.88 10.46 -11.55
C GLY A 104 14.41 10.85 -12.93
N SER A 105 15.71 10.79 -13.15
CA SER A 105 16.24 11.50 -14.30
C SER A 105 15.89 10.72 -15.56
N ASP A 106 15.24 9.55 -15.39
CA ASP A 106 14.61 8.78 -16.48
C ASP A 106 13.13 9.16 -16.70
N TRP A 107 12.73 10.24 -16.00
CA TRP A 107 11.37 10.82 -16.07
C TRP A 107 10.29 9.78 -15.62
N ARG A 108 10.76 8.70 -14.97
CA ARG A 108 9.92 7.67 -14.39
C ARG A 108 9.44 8.19 -13.03
N LEU A 109 8.32 7.68 -12.51
CA LEU A 109 7.74 8.16 -11.25
C LEU A 109 8.41 7.43 -10.10
N LEU A 110 9.11 8.17 -9.24
CA LEU A 110 9.76 7.62 -8.02
C LEU A 110 8.82 7.51 -6.83
N ARG A 111 8.08 8.56 -6.60
CA ARG A 111 7.20 8.55 -5.45
C ARG A 111 6.24 9.68 -5.52
N GLY A 112 5.05 9.46 -4.97
CA GLY A 112 4.04 10.50 -4.86
C GLY A 112 3.73 10.71 -3.41
N TYR A 113 3.58 11.96 -3.02
CA TYR A 113 3.24 12.29 -1.67
C TYR A 113 1.87 12.90 -1.53
N LEU A 114 1.23 12.69 -0.40
CA LEU A 114 -0.03 13.37 -0.07
C LEU A 114 -0.21 13.25 1.41
N GLN A 115 0.16 14.28 2.15
CA GLN A 115 0.00 14.25 3.59
C GLN A 115 -0.54 15.60 4.14
N PHE A 116 -0.93 15.59 5.42
CA PHE A 116 -1.46 16.70 6.09
C PHE A 116 -0.85 16.85 7.46
N ALA A 117 -0.86 18.08 7.95
CA ALA A 117 -0.49 18.40 9.31
C ALA A 117 -1.60 19.23 9.89
N TYR A 118 -1.90 18.99 11.15
CA TYR A 118 -2.82 19.84 11.94
C TYR A 118 -2.11 20.39 13.18
N GLU A 119 -2.22 21.69 13.37
CA GLU A 119 -1.52 22.36 14.46
C GLU A 119 -0.04 22.04 14.47
N GLY A 120 0.61 21.95 13.32
CA GLY A 120 2.03 21.74 13.28
C GLY A 120 2.48 20.33 13.62
N ARG A 121 1.52 19.41 13.83
CA ARG A 121 1.81 17.96 14.02
C ARG A 121 1.27 17.02 12.93
N ASP A 122 2.02 16.03 12.54
CA ASP A 122 1.65 15.21 11.41
C ASP A 122 0.36 14.58 11.71
N TYR A 123 -0.59 14.62 10.77
CA TYR A 123 -1.91 14.11 11.07
C TYR A 123 -2.26 12.82 10.35
N ILE A 124 -2.26 12.93 9.02
CA ILE A 124 -2.40 11.75 8.15
C ILE A 124 -1.60 11.91 6.86
N ALA A 125 -0.97 10.82 6.47
CA ALA A 125 -0.20 10.73 5.24
C ALA A 125 -0.59 9.46 4.48
N LEU A 126 -0.72 9.65 3.16
CA LEU A 126 -0.72 8.57 2.17
C LEU A 126 0.63 7.90 2.06
N ASN A 127 0.64 6.59 2.20
CA ASN A 127 1.88 5.85 2.14
C ASN A 127 2.43 5.71 0.71
N GLU A 128 3.62 5.13 0.60
CA GLU A 128 4.25 4.99 -0.70
C GLU A 128 3.54 4.05 -1.58
N ASP A 129 2.94 3.02 -1.02
CA ASP A 129 2.07 2.15 -1.82
C ASP A 129 0.93 2.95 -2.50
N LEU A 130 0.49 4.07 -1.93
CA LEU A 130 -0.59 4.91 -2.49
C LEU A 130 -1.93 4.22 -2.53
N LYS A 131 -2.12 3.29 -1.61
CA LYS A 131 -3.42 2.73 -1.35
C LYS A 131 -3.81 2.76 0.13
N THR A 132 -2.89 3.13 1.02
CA THR A 132 -3.14 3.08 2.46
C THR A 132 -2.64 4.30 3.23
N TRP A 133 -3.21 4.48 4.40
CA TRP A 133 -2.92 5.63 5.18
C TRP A 133 -2.13 5.30 6.42
N THR A 134 -1.35 6.28 6.90
CA THR A 134 -0.67 6.18 8.20
C THR A 134 -1.25 7.26 9.01
N ALA A 135 -1.64 6.95 10.23
CA ALA A 135 -2.41 7.89 11.03
C ALA A 135 -1.86 7.96 12.47
N ALA A 136 -1.48 9.16 12.92
CA ALA A 136 -0.98 9.37 14.29
C ALA A 136 -2.16 9.25 15.32
N ASP A 137 -2.84 10.37 15.59
CA ASP A 137 -3.87 10.48 16.63
C ASP A 137 -4.89 9.38 16.62
N MET A 138 -5.36 9.04 17.82
CA MET A 138 -6.64 8.37 17.98
C MET A 138 -7.61 9.09 17.06
N ALA A 139 -7.63 10.43 17.01
CA ALA A 139 -8.52 11.19 16.06
C ALA A 139 -8.32 10.97 14.56
N ALA A 140 -7.07 11.01 14.08
CA ALA A 140 -6.75 10.79 12.63
C ALA A 140 -7.01 9.36 12.16
N GLN A 141 -7.24 8.42 13.06
CA GLN A 141 -7.83 7.15 12.63
C GLN A 141 -9.27 7.37 12.15
N ILE A 142 -10.00 8.29 12.75
CA ILE A 142 -11.34 8.53 12.26
C ILE A 142 -11.25 8.98 10.83
N THR A 143 -10.38 9.92 10.56
CA THR A 143 -10.23 10.41 9.21
C THR A 143 -9.75 9.26 8.31
N ARG A 144 -8.92 8.42 8.84
CA ARG A 144 -8.49 7.28 8.08
C ARG A 144 -9.67 6.38 7.62
N ARG A 145 -10.64 6.06 8.47
CA ARG A 145 -11.64 5.01 8.14
C ARG A 145 -12.56 5.42 7.06
N LYS A 146 -13.05 6.64 7.24
CA LYS A 146 -13.78 7.38 6.25
C LYS A 146 -13.02 7.43 4.92
N TRP A 147 -11.69 7.51 4.96
CA TRP A 147 -10.98 7.66 3.71
C TRP A 147 -10.85 6.34 3.07
N GLU A 148 -10.66 5.31 3.89
CA GLU A 148 -10.51 3.95 3.37
C GLU A 148 -11.87 3.55 2.80
N GLN A 149 -12.93 3.83 3.55
CA GLN A 149 -14.27 3.51 3.10
C GLN A 149 -14.59 4.26 1.82
N SER A 150 -14.26 5.53 1.75
CA SER A 150 -14.71 6.34 0.61
C SER A 150 -13.85 6.15 -0.64
N GLY A 151 -12.77 5.41 -0.50
CA GLY A 151 -11.86 5.23 -1.61
C GLY A 151 -11.05 6.48 -1.87
N ALA A 152 -10.79 7.22 -0.82
CA ALA A 152 -9.95 8.38 -0.98
C ALA A 152 -8.64 8.05 -1.67
N ALA A 153 -7.98 6.97 -1.31
CA ALA A 153 -6.66 6.78 -1.88
C ALA A 153 -6.65 6.75 -3.41
N GLU A 154 -7.62 6.06 -3.99
CA GLU A 154 -7.65 5.82 -5.41
C GLU A 154 -7.67 7.11 -6.17
N HIS A 155 -8.40 8.07 -5.63
CA HIS A 155 -8.46 9.40 -6.19
C HIS A 155 -7.11 10.03 -6.25
N TYR A 156 -6.43 10.11 -5.12
CA TYR A 156 -5.10 10.77 -5.04
C TYR A 156 -4.05 10.07 -5.89
N LYS A 157 -4.02 8.73 -5.85
CA LYS A 157 -3.18 7.91 -6.74
C LYS A 157 -3.30 8.31 -8.21
N ALA A 158 -4.54 8.60 -8.61
CA ALA A 158 -4.83 9.04 -9.97
C ALA A 158 -4.06 10.29 -10.21
N TYR A 159 -4.28 11.31 -9.36
CA TYR A 159 -3.60 12.56 -9.54
C TYR A 159 -2.13 12.30 -9.57
N LEU A 160 -1.67 11.52 -8.63
CA LEU A 160 -0.24 11.40 -8.53
C LEU A 160 0.38 10.76 -9.75
N GLU A 161 -0.09 9.60 -10.17
CA GLU A 161 0.56 8.85 -11.26
C GLU A 161 0.26 9.42 -12.65
N GLY A 162 -0.70 10.34 -12.74
CA GLY A 162 -1.12 10.97 -13.99
C GLY A 162 -0.81 12.47 -14.04
N GLU A 163 -1.82 13.31 -13.80
CA GLU A 163 -1.71 14.76 -13.94
C GLU A 163 -0.43 15.34 -13.39
N CYS A 164 0.00 14.82 -12.26
CA CYS A 164 1.13 15.42 -11.58
C CYS A 164 2.38 15.08 -12.34
N VAL A 165 2.43 13.88 -12.89
CA VAL A 165 3.56 13.52 -13.76
C VAL A 165 3.50 14.34 -15.06
N GLU A 166 2.35 14.31 -15.76
CA GLU A 166 2.20 14.91 -17.09
C GLU A 166 2.45 16.41 -17.08
N TRP A 167 1.88 17.10 -16.09
CA TRP A 167 1.96 18.55 -16.04
C TRP A 167 3.33 19.01 -15.60
N LEU A 168 3.87 18.39 -14.56
CA LEU A 168 5.28 18.56 -14.29
C LEU A 168 6.19 18.38 -15.56
N HIS A 169 5.86 17.49 -16.51
CA HIS A 169 6.61 17.51 -17.79
C HIS A 169 6.40 18.79 -18.59
N ARG A 170 5.14 19.18 -18.86
CA ARG A 170 4.86 20.43 -19.59
C ARG A 170 5.58 21.61 -18.97
N TYR A 171 5.54 21.69 -17.65
CA TYR A 171 6.08 22.82 -16.93
C TYR A 171 7.57 22.72 -17.08
N LEU A 172 8.07 21.50 -17.32
CA LEU A 172 9.51 21.22 -17.47
C LEU A 172 10.03 21.24 -18.92
N LYS A 173 9.17 21.40 -19.91
CA LYS A 173 9.64 21.60 -21.30
C LYS A 173 9.47 23.08 -21.69
N ASN A 174 8.29 23.64 -21.37
CA ASN A 174 8.00 25.10 -21.37
C ASN A 174 8.80 25.85 -20.30
N GLY A 175 9.29 25.09 -19.31
CA GLY A 175 10.19 25.61 -18.29
C GLY A 175 11.66 25.34 -18.59
N ASN A 176 11.92 24.83 -19.80
CA ASN A 176 13.22 24.90 -20.49
C ASN A 176 13.82 26.28 -20.27
N ALA A 177 13.01 27.34 -20.55
CA ALA A 177 13.37 28.77 -20.30
C ALA A 177 13.88 28.96 -18.85
N THR A 178 15.18 29.24 -18.81
CA THR A 178 16.11 28.67 -17.80
C THR A 178 15.63 28.57 -16.28
N LEU A 179 14.90 27.48 -15.98
CA LEU A 179 14.88 26.81 -14.67
C LEU A 179 16.29 26.23 -14.35
N LEU A 180 17.08 26.12 -15.43
CA LEU A 180 18.56 26.03 -15.49
C LEU A 180 19.28 27.07 -14.60
N ARG A 181 18.74 28.28 -14.43
CA ARG A 181 19.46 29.37 -13.68
C ARG A 181 20.19 28.74 -12.48
N THR A 182 21.51 28.88 -12.49
CA THR A 182 22.24 28.80 -11.28
C THR A 182 23.26 29.93 -11.22
N ASP A 183 23.19 30.67 -10.13
CA ASP A 183 24.17 31.67 -9.83
C ASP A 183 25.09 31.00 -8.82
N SER A 184 26.36 31.03 -9.16
CA SER A 184 27.41 30.45 -8.36
C SER A 184 27.72 31.36 -7.19
N PRO A 185 28.26 30.79 -6.13
CA PRO A 185 28.72 31.57 -4.98
C PRO A 185 29.89 32.45 -5.29
N LYS A 186 29.99 33.59 -4.64
CA LYS A 186 31.24 34.33 -4.65
C LYS A 186 31.67 34.34 -3.20
N ALA A 187 32.79 33.67 -2.94
CA ALA A 187 33.28 33.51 -1.59
C ALA A 187 34.55 34.33 -1.25
N HIS A 188 34.64 34.56 0.06
CA HIS A 188 35.74 35.29 0.61
C HIS A 188 35.88 35.19 2.13
N VAL A 189 37.05 35.49 2.64
CA VAL A 189 37.34 35.19 4.01
C VAL A 189 37.72 36.48 4.65
N THR A 190 36.85 36.96 5.55
CA THR A 190 37.13 38.03 6.44
C THR A 190 37.89 37.45 7.64
N HIS A 191 38.38 38.33 8.51
CA HIS A 191 39.36 37.98 9.56
C HIS A 191 38.94 38.81 10.75
N HIS A 192 38.80 38.23 11.93
CA HIS A 192 38.22 38.92 13.10
C HIS A 192 38.84 38.57 14.40
N PRO A 193 39.73 39.40 14.98
CA PRO A 193 40.50 39.00 16.18
C PRO A 193 39.59 38.71 17.37
N ARG A 194 39.73 37.56 18.01
CA ARG A 194 38.70 37.03 18.90
C ARG A 194 39.04 37.13 20.40
N SER A 195 40.31 36.84 20.73
CA SER A 195 40.87 36.73 22.08
C SER A 195 42.37 37.10 22.00
N LYS A 196 43.09 37.04 23.14
CA LYS A 196 44.54 37.23 23.09
C LYS A 196 45.15 35.94 22.50
N GLY A 197 45.95 36.10 21.44
CA GLY A 197 46.64 35.01 20.80
C GLY A 197 45.82 34.33 19.74
N GLU A 198 44.56 34.75 19.55
CA GLU A 198 43.63 34.09 18.60
C GLU A 198 42.82 35.02 17.70
N VAL A 199 42.39 34.47 16.55
CA VAL A 199 41.44 35.15 15.64
C VAL A 199 40.39 34.18 15.05
N THR A 200 39.25 34.73 14.59
CA THR A 200 38.25 34.02 13.82
C THR A 200 38.43 34.32 12.33
N LEU A 201 38.46 33.29 11.49
CA LEU A 201 38.35 33.41 10.06
C LEU A 201 36.97 32.98 9.64
N ARG A 202 36.24 33.81 8.92
CA ARG A 202 34.85 33.51 8.52
C ARG A 202 34.78 33.45 6.98
N CYS A 203 34.54 32.23 6.48
CA CYS A 203 34.24 31.99 5.06
C CYS A 203 32.81 32.25 4.66
N TRP A 204 32.59 33.15 3.73
CA TRP A 204 31.27 33.52 3.27
C TRP A 204 31.04 33.01 1.85
N ALA A 205 29.85 32.49 1.63
CA ALA A 205 29.40 32.16 0.29
C ALA A 205 28.26 33.11 -0.02
N LEU A 206 28.30 33.84 -1.11
CA LEU A 206 27.20 34.78 -1.40
C LEU A 206 26.71 34.82 -2.86
N GLY A 207 25.53 35.39 -3.05
CA GLY A 207 24.95 35.56 -4.39
C GLY A 207 24.75 34.22 -5.13
N PHE A 208 24.53 33.15 -4.37
CA PHE A 208 24.29 31.83 -4.95
C PHE A 208 22.83 31.37 -4.97
N TYR A 209 22.54 30.52 -5.94
CA TYR A 209 21.20 29.98 -6.16
C TYR A 209 21.42 28.75 -6.99
N PRO A 210 20.87 27.58 -6.67
CA PRO A 210 19.97 27.33 -5.57
C PRO A 210 20.71 27.31 -4.23
N ALA A 211 19.96 27.03 -3.17
CA ALA A 211 20.40 27.20 -1.79
C ALA A 211 21.30 26.08 -1.22
N ASP A 212 21.19 24.88 -1.77
CA ASP A 212 22.18 23.88 -1.39
C ASP A 212 23.60 24.31 -1.69
N ILE A 213 24.43 24.18 -0.67
CA ILE A 213 25.83 24.51 -0.75
C ILE A 213 26.54 23.85 0.38
N THR A 214 27.78 23.50 0.22
CA THR A 214 28.53 23.03 1.35
C THR A 214 29.80 23.86 1.61
N LEU A 215 30.00 24.18 2.90
CA LEU A 215 31.26 24.82 3.30
C LEU A 215 32.12 23.96 4.21
N THR A 216 33.43 23.95 4.00
CA THR A 216 34.34 23.27 4.89
C THR A 216 35.59 24.04 5.07
N TRP A 217 36.29 23.74 6.14
CA TRP A 217 37.54 24.42 6.46
C TRP A 217 38.53 23.29 6.62
N GLN A 218 39.76 23.54 6.30
CA GLN A 218 40.75 22.53 6.32
C GLN A 218 41.96 23.10 7.00
N LEU A 219 42.73 22.21 7.62
CA LEU A 219 44.03 22.57 8.10
C LEU A 219 44.96 21.54 7.48
N ASN A 220 45.74 22.03 6.52
CA ASN A 220 46.68 21.26 5.74
C ASN A 220 46.13 19.90 5.28
N GLY A 221 44.92 19.95 4.74
CA GLY A 221 44.27 18.75 4.22
C GLY A 221 43.27 18.06 5.12
N GLU A 222 43.34 18.30 6.45
CA GLU A 222 42.48 17.64 7.45
C GLU A 222 41.20 18.41 7.71
N GLU A 223 40.05 17.98 7.19
CA GLU A 223 38.78 18.77 7.36
C GLU A 223 38.47 19.07 8.86
N LEU A 224 37.86 20.22 9.14
CA LEU A 224 37.50 20.56 10.50
C LEU A 224 35.99 20.37 10.70
N THR A 225 35.64 19.85 11.87
CA THR A 225 34.27 19.42 12.27
C THR A 225 33.97 19.91 13.72
N GLN A 226 34.97 19.73 14.58
CA GLN A 226 35.01 20.32 15.92
C GLN A 226 35.61 21.69 15.70
N ASP A 227 34.99 22.71 16.29
CA ASP A 227 35.43 24.14 16.28
C ASP A 227 34.91 24.91 15.03
N MET A 228 34.17 24.23 14.15
CA MET A 228 33.45 24.86 13.04
C MET A 228 32.12 25.42 13.51
N GLU A 229 32.06 26.75 13.65
CA GLU A 229 30.77 27.45 13.66
C GLU A 229 30.23 27.81 12.28
N LEU A 230 28.93 27.91 12.20
CA LEU A 230 28.28 28.18 10.90
C LEU A 230 26.93 28.85 11.08
N VAL A 231 26.28 29.18 9.97
CA VAL A 231 24.86 29.48 10.01
C VAL A 231 24.08 28.80 8.93
N GLU A 232 22.85 28.51 9.28
CA GLU A 232 21.79 28.22 8.34
C GLU A 232 21.69 29.20 7.19
N THR A 233 21.55 28.63 6.01
CA THR A 233 21.50 29.35 4.79
C THR A 233 20.38 30.37 4.79
N ARG A 234 20.56 31.51 4.19
CA ARG A 234 19.64 32.63 4.42
C ARG A 234 19.49 33.32 3.14
N PRO A 235 18.31 33.80 2.88
CA PRO A 235 18.05 34.56 1.69
C PRO A 235 18.68 35.98 1.75
N ALA A 236 19.33 36.36 0.66
CA ALA A 236 19.91 37.68 0.56
C ALA A 236 18.80 38.70 0.35
N GLY A 237 17.69 38.25 -0.21
CA GLY A 237 16.54 39.08 -0.49
C GLY A 237 16.43 39.50 -1.93
N ASP A 238 17.29 38.95 -2.77
CA ASP A 238 17.23 39.20 -4.20
C ASP A 238 16.97 37.92 -4.95
N GLY A 239 16.60 36.86 -4.24
CA GLY A 239 16.32 35.56 -4.85
C GLY A 239 17.44 34.60 -4.59
N THR A 240 18.60 35.14 -4.19
CA THR A 240 19.76 34.29 -3.84
C THR A 240 20.01 34.10 -2.35
N PHE A 241 21.02 33.33 -2.02
CA PHE A 241 21.24 32.89 -0.67
C PHE A 241 22.65 33.22 -0.19
N GLN A 242 22.81 33.24 1.15
CA GLN A 242 24.11 33.35 1.80
C GLN A 242 24.36 32.27 2.83
N LYS A 243 25.61 32.03 3.10
CA LYS A 243 25.94 31.23 4.22
C LYS A 243 27.37 31.54 4.51
N TRP A 244 27.73 31.34 5.76
CA TRP A 244 29.13 31.29 6.11
C TRP A 244 29.43 30.21 7.08
N ALA A 245 30.70 29.96 7.32
CA ALA A 245 31.25 29.01 8.29
C ALA A 245 32.55 29.61 8.90
N SER A 246 32.82 29.39 10.16
CA SER A 246 33.99 29.99 10.76
C SER A 246 34.73 29.02 11.65
N VAL A 247 36.05 29.28 11.84
CA VAL A 247 36.89 28.53 12.74
C VAL A 247 37.74 29.50 13.51
N VAL A 248 38.21 29.13 14.71
CA VAL A 248 39.20 29.92 15.42
C VAL A 248 40.60 29.32 15.36
N VAL A 249 41.56 30.23 15.25
CA VAL A 249 42.86 29.94 14.67
C VAL A 249 43.91 30.85 15.32
N PRO A 250 45.06 30.32 15.69
CA PRO A 250 46.02 31.14 16.42
C PRO A 250 46.62 32.22 15.52
N LEU A 251 46.90 33.39 16.10
CA LEU A 251 47.37 34.58 15.37
C LEU A 251 48.58 34.23 14.52
N GLY A 252 48.55 34.58 13.26
CA GLY A 252 49.72 34.38 12.41
C GLY A 252 49.77 33.07 11.61
N LYS A 253 48.81 32.18 11.84
CA LYS A 253 48.80 30.87 11.17
C LYS A 253 47.61 30.75 10.21
N GLU A 254 46.97 31.87 9.92
CA GLU A 254 45.73 31.86 9.17
C GLU A 254 45.85 31.42 7.72
N GLN A 255 47.05 31.55 7.18
CA GLN A 255 47.28 31.31 5.75
C GLN A 255 47.45 29.85 5.36
N ASN A 256 47.45 28.95 6.34
CA ASN A 256 47.58 27.53 6.02
C ASN A 256 46.34 26.78 6.51
N TYR A 257 45.23 27.53 6.62
CA TYR A 257 43.85 27.04 6.67
C TYR A 257 43.12 27.37 5.38
N THR A 258 42.44 26.41 4.75
CA THR A 258 41.74 26.70 3.50
C THR A 258 40.25 26.41 3.55
N CYS A 259 39.51 27.22 2.83
CA CYS A 259 38.05 27.12 2.79
C CYS A 259 37.65 26.55 1.45
N ARG A 260 36.74 25.60 1.45
CA ARG A 260 36.29 24.95 0.24
C ARG A 260 34.78 25.24 0.11
N VAL A 261 34.30 25.60 -1.08
CA VAL A 261 32.87 25.78 -1.28
C VAL A 261 32.35 24.83 -2.34
N TYR A 262 31.27 24.13 -2.05
CA TYR A 262 30.71 23.15 -3.00
C TYR A 262 29.25 23.54 -3.36
N HIS A 263 29.02 23.74 -4.65
CA HIS A 263 27.76 24.11 -5.21
C HIS A 263 27.68 23.63 -6.63
N GLU A 264 26.49 23.16 -7.03
CA GLU A 264 26.26 22.88 -8.45
C GLU A 264 26.36 24.24 -9.21
N GLY A 265 26.76 24.24 -10.46
CA GLY A 265 26.89 25.53 -11.13
C GLY A 265 28.23 26.16 -10.89
N LEU A 266 28.94 25.63 -9.89
CA LEU A 266 30.41 25.77 -9.84
C LEU A 266 31.13 24.79 -10.85
N PRO A 267 32.03 25.28 -11.70
CA PRO A 267 32.77 24.39 -12.65
C PRO A 267 33.68 23.40 -11.92
N GLU A 268 34.51 23.93 -11.01
CA GLU A 268 35.13 23.16 -9.91
C GLU A 268 34.66 23.76 -8.58
N PRO A 269 34.73 22.97 -7.51
CA PRO A 269 34.83 23.44 -6.12
C PRO A 269 35.88 24.51 -5.81
N LEU A 270 35.43 25.52 -5.08
CA LEU A 270 36.24 26.65 -4.75
C LEU A 270 37.20 26.31 -3.65
N THR A 271 38.32 27.00 -3.70
CA THR A 271 39.32 26.95 -2.68
C THR A 271 39.81 28.35 -2.49
N LEU A 272 39.91 28.79 -1.23
CA LEU A 272 40.37 30.15 -0.87
C LEU A 272 40.95 30.19 0.56
N ARG A 273 41.84 31.16 0.81
CA ARG A 273 42.22 31.49 2.16
C ARG A 273 42.15 32.95 2.29
N TRP A 274 42.28 33.35 3.54
CA TRP A 274 42.30 34.71 3.94
C TRP A 274 43.44 35.53 3.32
N GLU A 275 43.08 36.66 2.79
CA GLU A 275 44.06 37.56 2.34
C GLU A 275 43.29 38.85 2.27
N PRO A 276 43.88 39.90 2.78
CA PRO A 276 43.33 41.21 2.55
C PRO A 276 43.03 41.25 1.06
N MET B 1 -1.34 21.18 20.99
CA MET B 1 -0.81 21.31 19.59
C MET B 1 0.67 21.22 19.74
N ILE B 2 1.40 21.25 18.63
CA ILE B 2 2.87 21.34 18.62
C ILE B 2 3.41 22.66 18.03
N GLN B 3 3.60 23.66 18.87
CA GLN B 3 4.17 24.95 18.49
C GLN B 3 5.70 24.95 18.39
N ARG B 4 6.25 25.92 17.67
CA ARG B 4 7.68 26.06 17.46
C ARG B 4 8.19 27.50 17.43
N THR B 5 9.35 27.71 18.04
CA THR B 5 9.92 29.05 18.27
C THR B 5 10.67 29.50 17.08
N PRO B 6 10.51 30.74 16.73
CA PRO B 6 11.27 31.31 15.60
C PRO B 6 12.71 31.14 15.80
N LYS B 7 13.38 30.59 14.80
CA LYS B 7 14.80 30.91 14.58
C LYS B 7 14.87 32.31 13.99
N ILE B 8 15.97 33.02 14.26
CA ILE B 8 16.06 34.41 13.81
C ILE B 8 17.46 34.77 13.39
N GLN B 9 17.62 35.25 12.18
CA GLN B 9 18.90 35.85 11.85
C GLN B 9 18.70 37.24 11.38
N VAL B 10 19.73 38.04 11.63
CA VAL B 10 19.69 39.43 11.22
C VAL B 10 21.02 39.79 10.58
N TYR B 11 20.90 40.42 9.43
CA TYR B 11 22.03 40.51 8.53
C TYR B 11 21.81 41.44 7.35
N SER B 12 22.91 41.84 6.73
CA SER B 12 22.88 42.70 5.55
C SER B 12 23.02 41.85 4.33
N ARG B 13 22.25 42.23 3.30
CA ARG B 13 22.29 41.63 1.97
C ARG B 13 23.65 41.69 1.33
N HIS B 14 24.36 42.78 1.51
CA HIS B 14 25.78 42.74 1.19
C HIS B 14 26.64 43.12 2.43
N PRO B 15 27.98 42.95 2.28
CA PRO B 15 28.94 43.34 3.32
C PRO B 15 28.83 44.81 3.68
N ALA B 16 28.70 45.11 4.97
CA ALA B 16 28.44 46.45 5.39
C ALA B 16 29.62 47.30 4.98
N GLU B 17 29.35 48.45 4.40
CA GLU B 17 30.39 49.37 4.09
C GLU B 17 29.92 50.73 4.59
N ASN B 18 30.55 51.26 5.62
CA ASN B 18 30.00 52.47 6.26
C ASN B 18 29.73 53.55 5.26
N GLY B 19 28.48 54.04 5.21
CA GLY B 19 28.05 54.99 4.21
C GLY B 19 27.56 54.49 2.85
N LYS B 20 27.45 53.21 2.60
CA LYS B 20 26.78 52.72 1.35
C LYS B 20 25.44 52.12 1.68
N SER B 21 24.41 52.57 0.97
CA SER B 21 23.08 52.06 1.20
C SER B 21 23.13 50.59 0.81
N ASN B 22 22.29 49.83 1.49
CA ASN B 22 22.37 48.38 1.58
C ASN B 22 20.92 48.03 1.99
N PHE B 23 20.70 46.78 2.33
CA PHE B 23 19.44 46.30 2.92
C PHE B 23 19.70 45.48 4.18
N LEU B 24 18.87 45.75 5.18
CA LEU B 24 18.91 45.09 6.48
C LEU B 24 17.82 44.00 6.43
N ASN B 25 18.20 42.77 6.80
CA ASN B 25 17.35 41.63 6.73
C ASN B 25 17.11 41.01 8.10
N CYS B 26 15.88 40.60 8.39
CA CYS B 26 15.70 39.74 9.54
C CYS B 26 14.92 38.55 9.08
N TYR B 27 15.54 37.39 9.10
CA TYR B 27 14.94 36.16 8.56
C TYR B 27 14.49 35.38 9.74
N VAL B 28 13.19 35.10 9.78
CA VAL B 28 12.57 34.26 10.79
C VAL B 28 11.99 33.00 10.15
N SER B 29 12.23 31.86 10.78
CA SER B 29 11.90 30.56 10.20
C SER B 29 11.80 29.48 11.24
N GLY B 30 11.37 28.27 10.86
CA GLY B 30 11.15 27.15 11.82
C GLY B 30 10.07 27.44 12.89
N PHE B 31 9.18 28.42 12.67
CA PHE B 31 8.16 28.68 13.64
C PHE B 31 6.79 28.03 13.36
N HIS B 32 5.92 27.86 14.38
CA HIS B 32 4.56 27.38 14.20
C HIS B 32 3.79 27.73 15.41
N PRO B 33 2.58 28.22 15.29
CA PRO B 33 1.89 28.63 14.05
C PRO B 33 2.46 29.92 13.38
N SER B 34 1.75 30.39 12.38
CA SER B 34 2.19 31.39 11.47
C SER B 34 2.04 32.87 11.93
N ASP B 35 1.12 33.20 12.84
CA ASP B 35 1.06 34.61 13.33
C ASP B 35 2.42 34.97 13.90
N ILE B 36 3.07 36.01 13.40
CA ILE B 36 4.23 36.54 14.08
C ILE B 36 4.36 38.04 13.86
N GLU B 37 5.10 38.72 14.71
CA GLU B 37 5.19 40.15 14.63
C GLU B 37 6.67 40.39 14.61
N VAL B 38 7.15 41.10 13.58
CA VAL B 38 8.57 41.41 13.36
C VAL B 38 8.80 42.90 13.04
N ASP B 39 9.73 43.50 13.76
CA ASP B 39 10.18 44.83 13.56
C ASP B 39 11.66 44.82 13.43
N LEU B 40 12.17 45.76 12.64
CA LEU B 40 13.58 46.17 12.66
C LEU B 40 13.77 47.47 13.46
N LEU B 41 14.90 47.54 14.17
CA LEU B 41 15.17 48.69 15.03
C LEU B 41 16.47 49.38 14.60
N LYS B 42 16.41 50.72 14.61
CA LYS B 42 17.58 51.56 14.65
C LYS B 42 17.63 52.25 16.03
N ASN B 43 18.75 52.04 16.71
CA ASN B 43 18.93 52.48 18.11
C ASN B 43 17.71 52.24 19.01
N GLY B 44 17.20 51.02 18.94
CA GLY B 44 16.11 50.60 19.79
C GLY B 44 14.77 51.20 19.45
N GLU B 45 14.69 52.10 18.47
CA GLU B 45 13.39 52.53 17.95
C GLU B 45 13.02 51.76 16.64
N ARG B 46 11.72 51.46 16.46
CA ARG B 46 11.16 50.95 15.20
C ARG B 46 11.54 51.75 13.99
N ILE B 47 11.93 51.04 12.94
CA ILE B 47 11.96 51.55 11.59
C ILE B 47 10.62 51.30 10.86
N GLU B 48 9.98 52.36 10.32
CA GLU B 48 8.68 52.23 9.64
C GLU B 48 8.64 51.51 8.25
N LYS B 49 9.51 51.87 7.30
CA LYS B 49 9.44 51.33 5.93
C LYS B 49 9.99 49.92 5.85
N VAL B 50 9.36 48.96 6.53
CA VAL B 50 9.80 47.57 6.54
C VAL B 50 8.94 46.71 5.63
N GLU B 51 9.50 46.05 4.65
CA GLU B 51 8.70 45.10 3.88
C GLU B 51 9.06 43.61 4.15
N HIS B 52 8.24 42.67 3.69
CA HIS B 52 8.47 41.22 3.88
C HIS B 52 8.04 40.34 2.73
N SER B 53 8.56 39.10 2.71
CA SER B 53 8.23 38.09 1.72
C SER B 53 6.89 37.45 2.05
N ASP B 54 6.29 36.75 1.11
CA ASP B 54 5.00 36.15 1.34
C ASP B 54 5.30 34.89 2.11
N LEU B 55 4.29 34.31 2.72
CA LEU B 55 4.45 33.28 3.72
C LEU B 55 4.79 31.99 3.08
N SER B 56 5.63 31.21 3.71
CA SER B 56 5.93 29.90 3.18
C SER B 56 6.24 28.91 4.24
N PHE B 57 6.27 27.63 3.84
CA PHE B 57 6.61 26.57 4.79
C PHE B 57 7.47 25.49 4.28
N SER B 58 8.33 25.01 5.15
CA SER B 58 9.28 24.01 4.75
C SER B 58 8.65 22.68 4.88
N LYS B 59 9.40 21.67 4.52
CA LYS B 59 8.93 20.31 4.45
C LYS B 59 8.53 19.78 5.82
N ASP B 60 9.15 20.26 6.85
CA ASP B 60 8.77 19.91 8.21
C ASP B 60 7.56 20.68 8.72
N TRP B 61 6.91 21.42 7.82
CA TRP B 61 5.66 22.11 8.07
C TRP B 61 5.80 23.53 8.62
N SER B 62 7.04 23.90 8.98
CA SER B 62 7.30 25.14 9.75
C SER B 62 7.35 26.29 8.76
N PHE B 63 7.19 27.49 9.25
CA PHE B 63 7.02 28.65 8.45
C PHE B 63 8.28 29.45 8.36
N TYR B 64 8.47 30.19 7.24
CA TYR B 64 9.58 31.18 7.08
C TYR B 64 9.25 32.47 6.30
N LEU B 65 9.91 33.53 6.70
CA LEU B 65 9.55 34.86 6.20
C LEU B 65 10.80 35.65 6.25
N LEU B 66 10.85 36.63 5.37
CA LEU B 66 11.96 37.56 5.40
C LEU B 66 11.37 38.94 5.53
N TYR B 67 11.92 39.70 6.46
CA TYR B 67 11.64 41.14 6.56
C TYR B 67 12.83 41.97 6.23
N TYR B 68 12.65 43.13 5.63
CA TYR B 68 13.80 43.88 5.13
C TYR B 68 13.56 45.35 4.94
N THR B 69 14.63 46.11 4.87
CA THR B 69 14.45 47.54 4.66
C THR B 69 15.72 48.12 4.12
N GLU B 70 15.67 49.22 3.38
CA GLU B 70 16.91 49.78 2.88
C GLU B 70 17.55 50.45 4.07
N PHE B 71 18.86 50.33 4.23
CA PHE B 71 19.55 51.19 5.21
C PHE B 71 21.00 51.58 4.82
N THR B 72 21.53 52.52 5.60
CA THR B 72 22.94 52.87 5.55
C THR B 72 23.66 52.72 6.88
N PRO B 73 24.44 51.66 6.91
CA PRO B 73 25.43 51.44 7.95
C PRO B 73 26.38 52.60 8.15
N THR B 74 26.60 52.90 9.42
CA THR B 74 27.62 53.85 9.85
C THR B 74 28.38 53.09 10.92
N GLU B 75 29.56 53.52 11.36
CA GLU B 75 30.26 52.76 12.45
C GLU B 75 29.45 52.57 13.73
N LYS B 76 28.76 53.60 14.22
CA LYS B 76 28.20 53.54 15.58
C LYS B 76 26.67 53.41 15.61
N ASP B 77 26.01 53.46 14.46
CA ASP B 77 24.58 53.26 14.47
C ASP B 77 24.31 51.74 14.75
N GLU B 78 23.30 51.46 15.60
CA GLU B 78 22.94 50.11 16.05
C GLU B 78 21.51 49.67 15.58
N TYR B 79 21.49 48.49 14.97
CA TYR B 79 20.35 47.90 14.30
C TYR B 79 20.03 46.58 14.99
N ALA B 80 18.74 46.20 14.98
CA ALA B 80 18.24 44.97 15.61
C ALA B 80 16.88 44.55 15.04
N CYS B 81 16.54 43.29 15.27
CA CYS B 81 15.27 42.69 14.93
C CYS B 81 14.56 42.26 16.20
N ARG B 82 13.34 42.77 16.39
CA ARG B 82 12.47 42.35 17.47
C ARG B 82 11.40 41.42 16.96
N VAL B 83 10.99 40.45 17.77
CA VAL B 83 10.09 39.39 17.33
C VAL B 83 9.11 38.83 18.36
N ASN B 84 7.83 38.79 18.06
CA ASN B 84 6.88 38.18 18.98
C ASN B 84 6.04 37.02 18.42
N HIS B 85 5.93 36.01 19.24
CA HIS B 85 5.22 34.78 18.91
C HIS B 85 4.64 34.25 20.14
N VAL B 86 3.66 33.40 19.95
CA VAL B 86 3.03 32.74 21.09
C VAL B 86 4.04 31.81 21.81
N THR B 87 5.11 31.39 21.17
CA THR B 87 6.18 30.62 21.85
C THR B 87 7.09 31.48 22.75
N LEU B 88 7.13 32.78 22.50
CA LEU B 88 7.92 33.68 23.33
C LEU B 88 7.11 34.36 24.42
N SER B 89 7.70 34.63 25.58
CA SER B 89 7.02 35.42 26.58
C SER B 89 7.44 36.84 26.36
N GLN B 90 8.74 37.09 26.33
CA GLN B 90 9.24 38.42 26.00
C GLN B 90 9.64 38.44 24.49
N PRO B 91 9.43 39.58 23.81
CA PRO B 91 9.97 39.69 22.45
C PRO B 91 11.49 39.40 22.43
N LYS B 92 11.95 38.86 21.31
CA LYS B 92 13.32 38.47 21.20
C LYS B 92 13.94 39.57 20.37
N ILE B 93 14.79 40.38 20.96
CA ILE B 93 15.58 41.32 20.17
C ILE B 93 16.93 40.73 19.91
N VAL B 94 17.22 40.43 18.64
CA VAL B 94 18.56 40.03 18.14
C VAL B 94 19.27 41.21 17.44
N LYS B 95 20.46 41.61 17.94
CA LYS B 95 21.23 42.75 17.39
C LYS B 95 21.90 42.39 16.08
N TRP B 96 22.14 43.36 15.20
CA TRP B 96 22.77 43.06 13.90
C TRP B 96 24.23 43.12 14.12
N ASP B 97 24.99 42.16 13.59
CA ASP B 97 26.44 42.15 13.65
C ASP B 97 26.97 42.01 12.20
N ARG B 98 27.64 43.05 11.70
CA ARG B 98 28.44 43.07 10.47
C ARG B 98 29.16 41.78 10.10
N ASP B 99 29.84 41.21 11.07
CA ASP B 99 30.77 40.13 10.83
C ASP B 99 30.07 38.77 10.79
N MET B 100 28.75 38.76 10.70
CA MET B 100 27.95 37.56 10.95
C MET B 100 26.69 37.60 10.21
N LYS C 1 -0.22 21.56 -12.27
CA LYS C 1 -1.66 21.52 -11.92
C LYS C 1 -1.82 20.95 -10.49
N ALA C 2 -2.64 21.59 -9.69
CA ALA C 2 -2.80 21.20 -8.32
C ALA C 2 -3.80 20.09 -8.16
N VAL C 3 -3.61 19.34 -7.10
CA VAL C 3 -4.54 18.30 -6.67
C VAL C 3 -5.82 18.95 -6.16
N TYR C 4 -6.95 18.26 -6.24
CA TYR C 4 -8.16 18.71 -5.53
C TYR C 4 -8.66 17.60 -4.60
N ASN C 5 -8.88 17.94 -3.36
CA ASN C 5 -9.11 16.92 -2.37
C ASN C 5 -10.49 16.31 -2.52
N PHE C 6 -10.60 15.12 -1.96
CA PHE C 6 -11.80 14.29 -2.06
C PHE C 6 -12.64 14.39 -0.77
N ALA C 7 -12.74 13.32 0.01
CA ALA C 7 -13.41 13.35 1.29
C ALA C 7 -12.72 14.23 2.24
N THR C 8 -13.47 14.95 3.05
CA THR C 8 -12.91 15.82 4.06
C THR C 8 -12.53 15.01 5.27
N MET C 9 -12.01 15.64 6.32
CA MET C 9 -11.43 14.85 7.38
C MET C 9 -12.48 14.42 8.37
N GLY D 1 -0.33 -38.09 -19.24
CA GLY D 1 -1.13 -38.77 -20.28
C GLY D 1 -2.62 -39.03 -19.96
N PRO D 2 -2.97 -39.38 -18.71
CA PRO D 2 -4.37 -39.68 -18.28
C PRO D 2 -5.33 -38.52 -17.97
N HIS D 3 -6.61 -38.68 -18.31
CA HIS D 3 -7.54 -37.58 -18.16
C HIS D 3 -8.83 -37.96 -17.40
N SER D 4 -9.68 -36.96 -17.13
CA SER D 4 -10.87 -37.14 -16.31
C SER D 4 -11.80 -35.94 -16.40
N MET D 5 -13.06 -36.20 -16.09
CA MET D 5 -14.10 -35.19 -15.97
C MET D 5 -14.93 -35.42 -14.67
N ARG D 6 -15.43 -34.35 -14.07
CA ARG D 6 -16.24 -34.45 -12.82
C ARG D 6 -17.24 -33.35 -12.76
N TYR D 7 -18.39 -33.63 -12.19
CA TYR D 7 -19.32 -32.56 -11.85
C TYR D 7 -19.61 -32.73 -10.40
N PHE D 8 -19.38 -31.68 -9.65
CA PHE D 8 -19.45 -31.72 -8.20
C PHE D 8 -20.62 -30.89 -7.91
N GLU D 9 -21.66 -31.50 -7.37
CA GLU D 9 -22.91 -30.81 -7.14
C GLU D 9 -23.27 -30.70 -5.65
N THR D 10 -23.83 -29.55 -5.30
CA THR D 10 -24.16 -29.26 -3.92
C THR D 10 -25.47 -28.56 -3.85
N ALA D 11 -26.22 -28.87 -2.81
CA ALA D 11 -27.46 -28.18 -2.58
C ALA D 11 -27.65 -28.10 -1.11
N VAL D 12 -28.01 -26.94 -0.63
CA VAL D 12 -28.21 -26.69 0.79
C VAL D 12 -29.59 -26.14 1.00
N SER D 13 -30.36 -26.80 1.85
CA SER D 13 -31.77 -26.48 2.03
C SER D 13 -31.79 -25.41 3.05
N ARG D 14 -32.66 -24.44 2.85
CA ARG D 14 -32.76 -23.30 3.78
C ARG D 14 -34.07 -23.48 4.59
N PRO D 15 -34.11 -22.95 5.80
CA PRO D 15 -35.37 -22.78 6.57
C PRO D 15 -36.21 -21.52 6.23
N GLY D 16 -37.51 -21.73 5.95
CA GLY D 16 -38.46 -20.68 5.52
C GLY D 16 -38.61 -20.68 3.97
N LEU D 17 -37.69 -19.93 3.34
CA LEU D 17 -37.51 -19.77 1.87
C LEU D 17 -37.18 -21.10 1.25
N GLU D 18 -38.22 -21.91 0.96
CA GLU D 18 -38.10 -23.39 0.67
C GLU D 18 -37.46 -23.82 -0.70
N GLU D 19 -36.80 -22.84 -1.33
CA GLU D 19 -35.69 -23.11 -2.28
C GLU D 19 -34.30 -23.21 -1.58
N PRO D 20 -33.77 -24.39 -1.70
CA PRO D 20 -32.33 -24.61 -1.53
C PRO D 20 -31.47 -23.89 -2.59
N ARG D 21 -30.38 -23.28 -2.12
CA ARG D 21 -29.26 -22.91 -2.96
C ARG D 21 -28.71 -24.11 -3.68
N TYR D 22 -28.56 -24.07 -5.00
CA TYR D 22 -27.99 -25.22 -5.69
C TYR D 22 -26.77 -24.76 -6.43
N ILE D 23 -25.68 -25.50 -6.30
CA ILE D 23 -24.41 -25.09 -6.92
C ILE D 23 -23.78 -26.29 -7.59
N SER D 24 -23.38 -26.11 -8.83
CA SER D 24 -22.71 -27.17 -9.57
C SER D 24 -21.51 -26.66 -10.27
N VAL D 25 -20.42 -27.43 -10.24
CA VAL D 25 -19.15 -27.07 -10.87
C VAL D 25 -18.62 -28.26 -11.65
N GLY D 26 -18.17 -28.01 -12.87
CA GLY D 26 -17.61 -29.07 -13.67
C GLY D 26 -16.10 -28.97 -13.76
N TYR D 27 -15.40 -30.06 -13.47
CA TYR D 27 -13.97 -30.14 -13.65
C TYR D 27 -13.61 -31.04 -14.85
N VAL D 28 -12.57 -30.58 -15.54
CA VAL D 28 -11.85 -31.39 -16.51
C VAL D 28 -10.37 -31.42 -16.12
N ASP D 29 -9.79 -32.59 -15.96
CA ASP D 29 -8.43 -32.71 -15.42
C ASP D 29 -8.23 -31.83 -14.18
N ASN D 30 -9.13 -31.94 -13.20
CA ASN D 30 -9.18 -31.11 -12.01
C ASN D 30 -9.04 -29.65 -12.23
N LYS D 31 -9.49 -29.14 -13.37
CA LYS D 31 -9.63 -27.70 -13.59
C LYS D 31 -11.10 -27.33 -13.70
N GLU D 32 -11.54 -26.37 -12.88
CA GLU D 32 -12.85 -25.74 -13.07
C GLU D 32 -12.92 -25.24 -14.50
N PHE D 33 -14.00 -25.62 -15.21
CA PHE D 33 -14.32 -25.14 -16.56
C PHE D 33 -15.76 -24.71 -16.79
N VAL D 34 -16.68 -25.06 -15.90
CA VAL D 34 -18.07 -24.53 -15.92
C VAL D 34 -18.66 -24.41 -14.51
N ARG D 35 -19.73 -23.66 -14.36
CA ARG D 35 -20.31 -23.43 -13.05
C ARG D 35 -21.74 -22.97 -13.15
N PHE D 36 -22.54 -23.40 -12.18
CA PHE D 36 -23.91 -22.93 -12.07
C PHE D 36 -24.17 -22.62 -10.62
N ASP D 37 -24.65 -21.42 -10.37
CA ASP D 37 -24.94 -21.08 -8.98
C ASP D 37 -26.37 -20.49 -8.91
N SER D 38 -27.28 -21.20 -8.24
CA SER D 38 -28.69 -20.75 -8.22
C SER D 38 -28.92 -19.39 -7.56
N ASP D 39 -28.20 -19.15 -6.49
CA ASP D 39 -28.24 -17.91 -5.73
C ASP D 39 -27.84 -16.71 -6.55
N ALA D 40 -27.13 -16.95 -7.64
CA ALA D 40 -26.74 -15.90 -8.55
C ALA D 40 -28.00 -15.35 -9.16
N GLU D 41 -27.85 -14.37 -10.03
CA GLU D 41 -28.94 -13.45 -10.37
C GLU D 41 -29.99 -14.01 -11.38
N ASN D 42 -29.59 -14.12 -12.65
CA ASN D 42 -30.43 -14.65 -13.72
C ASN D 42 -29.72 -15.90 -14.27
N PRO D 43 -29.68 -16.99 -13.44
CA PRO D 43 -28.65 -18.02 -13.43
C PRO D 43 -28.52 -18.83 -14.64
N ARG D 44 -27.38 -19.49 -14.73
CA ARG D 44 -26.82 -19.95 -15.97
C ARG D 44 -25.61 -20.82 -15.66
N TYR D 45 -25.39 -21.84 -16.47
CA TYR D 45 -24.05 -22.35 -16.52
C TYR D 45 -23.18 -21.29 -17.24
N GLU D 46 -21.97 -21.08 -16.72
CA GLU D 46 -21.01 -20.14 -17.28
C GLU D 46 -19.66 -20.80 -17.54
N PRO D 47 -18.90 -20.25 -18.49
CA PRO D 47 -17.55 -20.71 -18.75
C PRO D 47 -16.62 -20.12 -17.72
N ARG D 48 -15.71 -20.95 -17.24
CA ARG D 48 -14.85 -20.67 -16.11
C ARG D 48 -13.32 -20.95 -16.37
N ALA D 49 -13.02 -21.27 -17.63
CA ALA D 49 -11.67 -21.16 -18.19
C ALA D 49 -11.85 -20.62 -19.62
N PRO D 50 -10.87 -19.88 -20.15
CA PRO D 50 -11.09 -19.16 -21.42
C PRO D 50 -11.42 -20.05 -22.64
N TRP D 51 -11.02 -21.31 -22.62
CA TRP D 51 -11.15 -22.23 -23.77
C TRP D 51 -12.59 -22.70 -24.06
N MET D 52 -13.49 -22.49 -23.10
CA MET D 52 -14.88 -22.89 -23.23
C MET D 52 -15.72 -21.92 -24.00
N GLU D 53 -15.31 -20.67 -24.11
CA GLU D 53 -16.19 -19.62 -24.69
C GLU D 53 -16.79 -19.95 -26.08
N GLN D 54 -16.10 -20.80 -26.85
CA GLN D 54 -16.42 -21.05 -28.24
C GLN D 54 -17.65 -21.97 -28.40
N GLU D 55 -18.03 -22.70 -27.35
CA GLU D 55 -19.25 -23.52 -27.41
C GLU D 55 -20.40 -22.56 -27.62
N GLY D 56 -21.25 -22.83 -28.61
CA GLY D 56 -22.28 -21.92 -29.03
C GLY D 56 -23.32 -21.72 -27.94
N PRO D 57 -24.35 -20.93 -28.21
CA PRO D 57 -25.36 -20.63 -27.19
C PRO D 57 -26.24 -21.85 -26.91
N GLU D 58 -26.46 -22.68 -27.94
CA GLU D 58 -27.36 -23.83 -27.86
C GLU D 58 -26.79 -24.76 -26.76
N TYR D 59 -25.48 -24.85 -26.65
CA TYR D 59 -24.84 -25.57 -25.55
C TYR D 59 -25.16 -25.02 -24.13
N TRP D 60 -25.06 -23.71 -23.95
CA TRP D 60 -25.27 -23.12 -22.64
C TRP D 60 -26.73 -23.22 -22.16
N GLU D 61 -27.71 -23.00 -23.04
CA GLU D 61 -29.13 -23.25 -22.70
C GLU D 61 -29.35 -24.74 -22.31
N ARG D 62 -28.81 -25.66 -23.08
CA ARG D 62 -29.06 -27.09 -22.84
C ARG D 62 -28.54 -27.56 -21.48
N GLU D 63 -27.31 -27.13 -21.16
CA GLU D 63 -26.69 -27.34 -19.85
C GLU D 63 -27.40 -26.51 -18.77
N THR D 64 -27.87 -25.33 -19.12
CA THR D 64 -28.60 -24.58 -18.12
C THR D 64 -29.94 -25.25 -17.74
N GLN D 65 -30.60 -25.95 -18.66
CA GLN D 65 -31.86 -26.59 -18.29
C GLN D 65 -31.58 -27.85 -17.47
N LYS D 66 -30.47 -28.55 -17.72
CA LYS D 66 -30.14 -29.66 -16.83
C LYS D 66 -30.02 -29.15 -15.42
N ALA D 67 -29.41 -28.00 -15.27
CA ALA D 67 -29.20 -27.44 -13.94
C ALA D 67 -30.57 -27.24 -13.24
N LYS D 68 -31.48 -26.53 -13.88
CA LYS D 68 -32.75 -26.28 -13.28
C LYS D 68 -33.42 -27.61 -13.06
N GLY D 69 -33.14 -28.58 -13.88
CA GLY D 69 -33.66 -29.90 -13.59
C GLY D 69 -33.15 -30.45 -12.28
N GLN D 70 -31.81 -30.45 -12.12
CA GLN D 70 -31.11 -30.99 -10.96
C GLN D 70 -31.56 -30.26 -9.72
N GLU D 71 -31.73 -28.96 -9.88
CA GLU D 71 -32.12 -28.14 -8.76
C GLU D 71 -33.41 -28.69 -8.14
N GLN D 72 -34.38 -29.04 -8.98
CA GLN D 72 -35.61 -29.73 -8.55
C GLN D 72 -35.31 -31.10 -7.95
N TRP D 73 -34.48 -31.91 -8.58
CA TRP D 73 -34.25 -33.25 -8.04
C TRP D 73 -33.69 -33.20 -6.58
N PHE D 74 -33.01 -32.11 -6.29
CA PHE D 74 -32.31 -31.96 -5.02
C PHE D 74 -33.26 -31.34 -4.08
N ARG D 75 -34.06 -30.44 -4.60
CA ARG D 75 -35.21 -29.96 -3.83
C ARG D 75 -35.98 -31.20 -3.32
N VAL D 76 -36.31 -32.15 -4.18
CA VAL D 76 -37.22 -33.19 -3.78
C VAL D 76 -36.53 -34.20 -2.91
N SER D 77 -35.30 -34.55 -3.30
CA SER D 77 -34.49 -35.55 -2.61
C SER D 77 -34.17 -35.10 -1.21
N LEU D 78 -33.69 -33.89 -1.09
CA LEU D 78 -33.70 -33.21 0.19
C LEU D 78 -34.93 -33.46 1.11
N ARG D 79 -36.15 -33.26 0.60
CA ARG D 79 -37.39 -33.61 1.33
C ARG D 79 -37.44 -35.07 1.69
N ASN D 80 -37.53 -35.95 0.71
CA ASN D 80 -37.45 -37.39 0.92
C ASN D 80 -36.50 -37.80 2.05
N LEU D 81 -35.33 -37.20 2.14
CA LEU D 81 -34.37 -37.67 3.14
C LEU D 81 -34.86 -37.30 4.48
N LEU D 82 -35.07 -36.01 4.68
CA LEU D 82 -35.67 -35.51 5.90
C LEU D 82 -36.64 -36.53 6.54
N GLY D 83 -37.55 -37.09 5.73
CA GLY D 83 -38.47 -38.13 6.19
C GLY D 83 -37.80 -39.41 6.68
N TYR D 84 -36.93 -39.99 5.83
CA TYR D 84 -36.16 -41.18 6.17
C TYR D 84 -35.52 -41.01 7.55
N TYR D 85 -34.68 -39.98 7.70
CA TYR D 85 -34.01 -39.68 8.98
C TYR D 85 -34.87 -39.11 10.11
N ASN D 86 -36.09 -38.69 9.78
CA ASN D 86 -36.98 -37.96 10.69
C ASN D 86 -36.40 -36.69 11.32
N GLN D 87 -36.06 -35.71 10.47
CA GLN D 87 -35.52 -34.41 10.95
C GLN D 87 -36.53 -33.24 10.70
N SER D 88 -36.25 -32.07 11.31
CA SER D 88 -37.11 -30.87 11.26
C SER D 88 -36.98 -29.96 10.01
N ALA D 89 -38.14 -29.48 9.52
CA ALA D 89 -38.20 -28.74 8.23
C ALA D 89 -37.84 -27.24 8.40
N GLY D 90 -37.59 -26.87 9.67
CA GLY D 90 -36.66 -25.81 10.02
C GLY D 90 -35.32 -26.39 10.53
N GLY D 91 -34.32 -26.41 9.65
CA GLY D 91 -32.93 -26.57 10.04
C GLY D 91 -32.21 -26.86 8.73
N SER D 92 -30.92 -26.55 8.57
CA SER D 92 -30.34 -26.64 7.24
C SER D 92 -29.61 -27.91 7.00
N HIS D 93 -29.74 -28.39 5.78
CA HIS D 93 -29.32 -29.74 5.39
C HIS D 93 -28.61 -29.72 4.07
N THR D 94 -27.64 -30.60 3.94
CA THR D 94 -26.78 -30.53 2.79
C THR D 94 -26.74 -31.85 2.05
N LEU D 95 -26.76 -31.79 0.74
CA LEU D 95 -26.66 -33.00 -0.06
C LEU D 95 -25.73 -32.70 -1.21
N GLN D 96 -24.78 -33.60 -1.44
CA GLN D 96 -23.79 -33.42 -2.51
C GLN D 96 -23.70 -34.63 -3.43
N GLN D 97 -23.11 -34.43 -4.61
CA GLN D 97 -23.03 -35.47 -5.61
C GLN D 97 -21.75 -35.26 -6.35
N MET D 98 -21.05 -36.33 -6.65
CA MET D 98 -19.89 -36.35 -7.55
C MET D 98 -20.16 -37.41 -8.61
N SER D 99 -19.83 -37.07 -9.84
CA SER D 99 -20.15 -37.84 -10.98
C SER D 99 -19.11 -37.55 -12.01
N GLY D 100 -18.80 -38.54 -12.83
CA GLY D 100 -17.90 -38.34 -13.96
C GLY D 100 -17.08 -39.56 -14.32
N CYS D 101 -16.13 -39.37 -15.23
CA CYS D 101 -15.36 -40.46 -15.82
C CYS D 101 -13.84 -40.20 -15.79
N ASP D 102 -13.08 -41.27 -15.54
CA ASP D 102 -11.63 -41.22 -15.61
C ASP D 102 -11.29 -41.92 -16.90
N LEU D 103 -10.49 -41.27 -17.74
CA LEU D 103 -9.86 -41.95 -18.86
C LEU D 103 -8.40 -42.24 -18.55
N GLY D 104 -7.84 -43.20 -19.30
CA GLY D 104 -6.45 -43.58 -19.20
C GLY D 104 -5.81 -42.96 -20.38
N SER D 105 -4.49 -43.05 -20.53
CA SER D 105 -3.86 -42.27 -21.58
C SER D 105 -4.07 -42.92 -22.94
N ASP D 106 -4.74 -44.09 -22.97
CA ASP D 106 -5.16 -44.75 -24.23
C ASP D 106 -6.52 -44.20 -24.69
N TRP D 107 -7.06 -43.30 -23.87
CA TRP D 107 -8.38 -42.67 -24.04
C TRP D 107 -9.57 -43.60 -23.71
N ARG D 108 -9.24 -44.69 -23.02
CA ARG D 108 -10.19 -45.75 -22.75
C ARG D 108 -10.79 -45.42 -21.42
N LEU D 109 -11.98 -45.94 -21.19
CA LEU D 109 -12.68 -45.76 -19.93
C LEU D 109 -12.09 -46.67 -18.88
N LEU D 110 -11.58 -46.04 -17.82
CA LEU D 110 -11.06 -46.74 -16.65
C LEU D 110 -12.16 -47.02 -15.68
N ARG D 111 -12.92 -45.98 -15.39
CA ARG D 111 -13.93 -46.02 -14.35
C ARG D 111 -14.83 -44.76 -14.40
N GLY D 112 -16.07 -44.96 -14.00
CA GLY D 112 -17.05 -43.94 -13.84
C GLY D 112 -17.57 -43.87 -12.42
N TYR D 113 -17.87 -42.68 -11.98
CA TYR D 113 -18.31 -42.46 -10.60
C TYR D 113 -19.66 -41.79 -10.58
N LEU D 114 -20.41 -42.11 -9.55
CA LEU D 114 -21.70 -41.51 -9.34
C LEU D 114 -22.00 -41.82 -7.89
N GLN D 115 -21.76 -40.86 -7.02
CA GLN D 115 -21.94 -41.12 -5.62
C GLN D 115 -22.51 -39.86 -4.88
N PHE D 116 -23.12 -40.01 -3.73
CA PHE D 116 -23.83 -38.88 -3.15
C PHE D 116 -23.33 -38.86 -1.71
N ALA D 117 -23.39 -37.67 -1.08
CA ALA D 117 -23.21 -37.48 0.36
C ALA D 117 -24.34 -36.60 0.91
N TYR D 118 -24.82 -36.99 2.10
CA TYR D 118 -25.82 -36.22 2.85
C TYR D 118 -25.19 -35.84 4.15
N GLU D 119 -25.33 -34.56 4.52
CA GLU D 119 -24.76 -34.02 5.78
C GLU D 119 -23.23 -34.25 5.89
N GLY D 120 -22.54 -34.41 4.74
CA GLY D 120 -21.10 -34.71 4.73
C GLY D 120 -20.62 -36.19 4.86
N ARG D 121 -21.53 -37.15 5.04
CA ARG D 121 -21.19 -38.56 5.06
C ARG D 121 -21.56 -39.06 3.69
N ASP D 122 -21.01 -40.23 3.42
CA ASP D 122 -21.33 -40.96 2.26
C ASP D 122 -22.71 -41.54 2.44
N TYR D 123 -23.60 -41.35 1.44
CA TYR D 123 -24.99 -41.87 1.50
C TYR D 123 -25.15 -43.08 0.58
N ILE D 124 -25.04 -42.86 -0.72
CA ILE D 124 -25.08 -43.97 -1.69
C ILE D 124 -24.10 -43.76 -2.83
N ALA D 125 -23.51 -44.83 -3.28
CA ALA D 125 -22.59 -44.77 -4.41
C ALA D 125 -22.84 -45.91 -5.38
N LEU D 126 -22.84 -45.56 -6.65
CA LEU D 126 -22.76 -46.49 -7.74
C LEU D 126 -21.42 -47.21 -7.78
N ASN D 127 -21.42 -48.53 -7.81
CA ASN D 127 -20.20 -49.34 -7.72
C ASN D 127 -19.51 -49.39 -9.04
N GLU D 128 -18.32 -49.97 -9.09
CA GLU D 128 -17.54 -49.89 -10.28
C GLU D 128 -18.26 -50.59 -11.37
N ASP D 129 -18.91 -51.69 -11.03
CA ASP D 129 -19.65 -52.45 -12.00
C ASP D 129 -20.73 -51.60 -12.70
N LEU D 130 -21.14 -50.51 -12.09
CA LEU D 130 -22.14 -49.56 -12.67
C LEU D 130 -23.49 -50.20 -12.94
N LYS D 131 -23.79 -51.27 -12.21
CA LYS D 131 -25.11 -51.85 -12.21
C LYS D 131 -25.66 -51.93 -10.81
N THR D 132 -24.84 -51.72 -9.79
CA THR D 132 -25.32 -51.89 -8.41
C THR D 132 -24.88 -50.78 -7.48
N TRP D 133 -25.49 -50.78 -6.31
CA TRP D 133 -25.31 -49.70 -5.38
C TRP D 133 -24.77 -50.16 -4.05
N THR D 134 -24.03 -49.27 -3.40
CA THR D 134 -23.52 -49.44 -2.04
C THR D 134 -24.15 -48.39 -1.19
N ALA D 135 -24.73 -48.81 -0.08
CA ALA D 135 -25.59 -47.97 0.72
C ALA D 135 -25.22 -48.07 2.21
N ALA D 136 -24.83 -46.95 2.81
CA ALA D 136 -24.45 -46.90 4.25
C ALA D 136 -25.65 -47.10 5.21
N ASP D 137 -26.42 -46.04 5.43
CA ASP D 137 -27.59 -46.02 6.34
C ASP D 137 -28.67 -47.05 6.07
N MET D 138 -29.30 -47.48 7.17
CA MET D 138 -30.62 -48.13 7.09
C MET D 138 -31.49 -47.28 6.09
N ALA D 139 -31.42 -45.97 6.20
CA ALA D 139 -32.15 -45.11 5.26
C ALA D 139 -31.77 -45.23 3.78
N ALA D 140 -30.49 -45.16 3.42
CA ALA D 140 -30.07 -45.22 2.01
C ALA D 140 -30.38 -46.56 1.34
N GLN D 141 -30.65 -47.59 2.13
CA GLN D 141 -31.11 -48.83 1.55
C GLN D 141 -32.47 -48.58 0.90
N ILE D 142 -33.24 -47.65 1.46
CA ILE D 142 -34.52 -47.31 0.85
C ILE D 142 -34.30 -46.75 -0.55
N THR D 143 -33.37 -45.81 -0.61
CA THR D 143 -33.02 -45.17 -1.85
C THR D 143 -32.47 -46.21 -2.79
N ARG D 144 -31.70 -47.15 -2.24
CA ARG D 144 -31.13 -48.18 -3.06
C ARG D 144 -32.20 -48.95 -3.78
N ARG D 145 -33.18 -49.38 -3.00
CA ARG D 145 -34.17 -50.34 -3.46
C ARG D 145 -35.19 -49.64 -4.31
N LYS D 146 -35.30 -48.33 -4.12
CA LYS D 146 -36.07 -47.45 -5.03
C LYS D 146 -35.43 -47.34 -6.44
N TRP D 147 -34.10 -47.27 -6.45
CA TRP D 147 -33.29 -47.05 -7.63
C TRP D 147 -33.07 -48.37 -8.38
N GLU D 148 -33.15 -49.45 -7.64
CA GLU D 148 -33.00 -50.78 -8.25
C GLU D 148 -34.24 -51.03 -9.07
N GLN D 149 -35.37 -50.69 -8.48
CA GLN D 149 -36.63 -50.91 -9.13
C GLN D 149 -36.75 -50.09 -10.44
N SER D 150 -36.37 -48.83 -10.35
CA SER D 150 -36.55 -47.90 -11.46
C SER D 150 -35.52 -48.04 -12.54
N GLY D 151 -34.47 -48.83 -12.29
CA GLY D 151 -33.44 -49.03 -13.27
C GLY D 151 -32.58 -47.81 -13.38
N ALA D 152 -32.43 -47.12 -12.25
CA ALA D 152 -31.58 -45.94 -12.17
C ALA D 152 -30.18 -46.25 -12.66
N ALA D 153 -29.57 -47.32 -12.16
CA ALA D 153 -28.19 -47.60 -12.55
C ALA D 153 -27.99 -47.51 -14.07
N GLU D 154 -28.89 -48.11 -14.83
CA GLU D 154 -28.75 -48.24 -16.26
C GLU D 154 -28.56 -46.92 -16.98
N HIS D 155 -29.30 -45.92 -16.56
CA HIS D 155 -29.16 -44.55 -17.04
C HIS D 155 -27.87 -43.89 -16.61
N TYR D 156 -27.47 -44.04 -15.34
CA TYR D 156 -26.15 -43.44 -15.00
C TYR D 156 -25.07 -44.01 -15.93
N LYS D 157 -25.11 -45.33 -16.07
CA LYS D 157 -24.13 -46.11 -16.79
C LYS D 157 -24.02 -45.57 -18.20
N ALA D 158 -25.15 -45.17 -18.77
CA ALA D 158 -25.17 -44.76 -20.15
C ALA D 158 -24.37 -43.48 -20.19
N TYR D 159 -24.73 -42.51 -19.34
CA TYR D 159 -23.99 -41.26 -19.26
C TYR D 159 -22.45 -41.49 -19.10
N LEU D 160 -22.10 -42.44 -18.25
CA LEU D 160 -20.72 -42.56 -17.81
C LEU D 160 -19.86 -43.15 -18.91
N GLU D 161 -20.38 -44.19 -19.59
CA GLU D 161 -19.72 -44.90 -20.67
C GLU D 161 -19.78 -44.17 -22.02
N GLY D 162 -20.72 -43.24 -22.14
CA GLY D 162 -21.04 -42.63 -23.42
C GLY D 162 -20.73 -41.14 -23.48
N GLU D 163 -21.64 -40.38 -22.92
CA GLU D 163 -21.58 -38.94 -22.96
C GLU D 163 -20.40 -38.39 -22.16
N CYS D 164 -20.26 -38.79 -20.93
CA CYS D 164 -19.10 -38.38 -20.16
C CYS D 164 -17.81 -38.54 -20.95
N VAL D 165 -17.69 -39.69 -21.57
CA VAL D 165 -16.48 -40.04 -22.30
C VAL D 165 -16.33 -39.20 -23.53
N GLU D 166 -17.34 -39.22 -24.38
CA GLU D 166 -17.36 -38.45 -25.60
C GLU D 166 -17.14 -36.95 -25.42
N TRP D 167 -17.58 -36.35 -24.32
CA TRP D 167 -17.46 -34.89 -24.20
C TRP D 167 -16.14 -34.44 -23.61
N LEU D 168 -15.67 -35.23 -22.64
CA LEU D 168 -14.26 -35.25 -22.27
C LEU D 168 -13.42 -35.26 -23.53
N HIS D 169 -13.68 -36.17 -24.47
CA HIS D 169 -12.94 -36.19 -25.74
C HIS D 169 -12.98 -34.77 -26.38
N ARG D 170 -14.18 -34.19 -26.57
CA ARG D 170 -14.32 -32.84 -27.16
C ARG D 170 -13.48 -31.85 -26.43
N TYR D 171 -13.60 -31.87 -25.13
CA TYR D 171 -13.07 -30.80 -24.33
C TYR D 171 -11.55 -30.82 -24.40
N LEU D 172 -10.97 -32.02 -24.46
CA LEU D 172 -9.53 -32.13 -24.48
C LEU D 172 -9.02 -31.57 -25.84
N LYS D 173 -9.73 -31.85 -26.93
CA LYS D 173 -9.44 -31.23 -28.21
C LYS D 173 -9.36 -29.69 -28.05
N ASN D 174 -10.30 -29.10 -27.29
CA ASN D 174 -10.37 -27.62 -27.12
C ASN D 174 -9.27 -27.04 -26.19
N GLY D 175 -9.00 -27.77 -25.07
CA GLY D 175 -8.02 -27.42 -24.04
C GLY D 175 -6.60 -28.02 -24.15
N ASN D 176 -5.99 -27.83 -25.33
CA ASN D 176 -4.57 -28.13 -25.58
C ASN D 176 -3.64 -26.98 -25.16
N ALA D 177 -4.17 -26.09 -24.29
CA ALA D 177 -3.48 -24.89 -23.76
C ALA D 177 -3.25 -24.93 -22.23
N THR D 178 -4.36 -24.90 -21.47
CA THR D 178 -4.30 -24.75 -20.02
C THR D 178 -3.89 -26.06 -19.36
N LEU D 179 -4.49 -27.18 -19.79
CA LEU D 179 -4.20 -28.48 -19.16
C LEU D 179 -2.65 -28.77 -19.19
N LEU D 180 -1.94 -28.46 -20.33
CA LEU D 180 -0.45 -28.50 -20.36
C LEU D 180 0.23 -27.53 -19.35
N ARG D 181 -0.40 -26.37 -19.07
CA ARG D 181 0.19 -25.38 -18.13
C ARG D 181 0.65 -26.19 -16.89
N THR D 182 1.96 -26.10 -16.65
CA THR D 182 2.49 -26.32 -15.31
C THR D 182 3.52 -25.27 -15.04
N ASP D 183 3.28 -24.51 -13.99
CA ASP D 183 4.29 -23.59 -13.49
C ASP D 183 5.04 -24.36 -12.40
N SER D 184 6.36 -24.41 -12.55
CA SER D 184 7.22 -25.06 -11.62
C SER D 184 7.40 -24.25 -10.31
N PRO D 185 7.75 -24.94 -9.22
CA PRO D 185 8.03 -24.27 -7.94
C PRO D 185 9.26 -23.42 -7.98
N LYS D 186 9.26 -22.38 -7.18
CA LYS D 186 10.49 -21.67 -6.94
C LYS D 186 10.72 -21.74 -5.45
N ALA D 187 11.72 -22.53 -5.08
CA ALA D 187 12.03 -22.80 -3.68
C ALA D 187 13.28 -22.08 -3.15
N HIS D 188 13.22 -21.79 -1.86
CA HIS D 188 14.28 -21.13 -1.15
C HIS D 188 14.18 -21.58 0.32
N VAL D 189 15.26 -21.43 1.07
CA VAL D 189 15.20 -21.72 2.51
C VAL D 189 15.45 -20.46 3.36
N THR D 190 14.60 -20.26 4.36
CA THR D 190 14.74 -19.19 5.32
C THR D 190 15.30 -19.68 6.64
N HIS D 191 15.86 -18.76 7.41
CA HIS D 191 16.50 -19.09 8.69
C HIS D 191 15.78 -18.40 9.84
N HIS D 192 15.32 -19.15 10.84
CA HIS D 192 14.60 -18.60 12.00
C HIS D 192 15.10 -19.24 13.30
N PRO D 193 15.18 -18.46 14.40
CA PRO D 193 15.60 -19.04 15.70
C PRO D 193 14.46 -19.82 16.45
N ARG D 194 14.75 -20.39 17.64
CA ARG D 194 13.77 -21.11 18.47
C ARG D 194 14.07 -20.92 19.97
N SER D 195 15.19 -21.50 20.37
CA SER D 195 15.72 -21.39 21.72
C SER D 195 17.24 -21.43 21.56
N LYS D 196 17.98 -20.65 22.34
CA LYS D 196 19.45 -20.69 22.23
C LYS D 196 19.83 -22.16 22.25
N GLY D 197 20.32 -22.67 21.13
CA GLY D 197 20.62 -24.09 20.99
C GLY D 197 20.26 -24.59 19.60
N GLU D 198 19.00 -24.37 19.22
CA GLU D 198 18.43 -24.81 17.94
C GLU D 198 17.85 -23.67 17.06
N VAL D 199 17.88 -23.85 15.74
CA VAL D 199 17.21 -22.97 14.75
C VAL D 199 16.26 -23.80 13.86
N THR D 200 15.26 -23.11 13.30
CA THR D 200 14.35 -23.70 12.30
C THR D 200 14.78 -23.25 10.90
N LEU D 201 14.90 -24.23 10.01
CA LEU D 201 15.05 -23.99 8.58
C LEU D 201 13.70 -24.35 7.94
N ARG D 202 13.17 -23.41 7.14
CA ARG D 202 11.88 -23.61 6.49
C ARG D 202 12.04 -23.61 4.97
N CYS D 203 11.81 -24.76 4.38
CA CYS D 203 11.77 -24.87 2.94
C CYS D 203 10.41 -24.44 2.40
N TRP D 204 10.40 -23.49 1.46
CA TRP D 204 9.18 -23.05 0.79
C TRP D 204 9.15 -23.46 -0.69
N ALA D 205 7.99 -23.91 -1.17
CA ALA D 205 7.76 -24.16 -2.58
C ALA D 205 6.72 -23.17 -3.03
N LEU D 206 7.02 -22.29 -3.99
CA LEU D 206 6.06 -21.23 -4.43
C LEU D 206 5.80 -21.01 -5.93
N GLY D 207 4.59 -20.53 -6.19
CA GLY D 207 4.18 -20.21 -7.55
C GLY D 207 4.13 -21.44 -8.42
N PHE D 208 3.79 -22.59 -7.82
CA PHE D 208 3.65 -23.85 -8.56
C PHE D 208 2.20 -24.19 -8.82
N TYR D 209 2.01 -24.96 -9.91
CA TYR D 209 0.71 -25.50 -10.35
C TYR D 209 1.01 -26.68 -11.28
N PRO D 210 0.36 -27.85 -11.16
CA PRO D 210 -0.72 -28.17 -10.23
C PRO D 210 -0.23 -28.42 -8.81
N ALA D 211 -1.16 -28.67 -7.92
CA ALA D 211 -0.92 -28.61 -6.48
C ALA D 211 -0.11 -29.77 -5.92
N ASP D 212 -0.11 -30.87 -6.63
CA ASP D 212 0.67 -31.99 -6.16
C ASP D 212 2.12 -31.58 -6.14
N ILE D 213 2.72 -31.78 -4.97
CA ILE D 213 4.11 -31.54 -4.79
C ILE D 213 4.52 -32.35 -3.59
N THR D 214 5.80 -32.69 -3.55
CA THR D 214 6.38 -33.32 -2.41
C THR D 214 7.58 -32.57 -1.96
N LEU D 215 7.68 -32.41 -0.66
CA LEU D 215 8.86 -31.78 -0.03
C LEU D 215 9.45 -32.74 0.95
N THR D 216 10.79 -32.74 1.01
CA THR D 216 11.58 -33.55 1.98
C THR D 216 12.79 -32.80 2.48
N TRP D 217 13.32 -33.29 3.58
CA TRP D 217 14.52 -32.73 4.17
C TRP D 217 15.43 -33.93 4.37
N GLN D 218 16.72 -33.69 4.23
CA GLN D 218 17.71 -34.73 4.34
C GLN D 218 18.79 -34.26 5.28
N LEU D 219 19.38 -35.22 5.95
CA LEU D 219 20.61 -35.01 6.67
C LEU D 219 21.59 -36.02 6.11
N ASN D 220 22.56 -35.49 5.35
CA ASN D 220 23.59 -36.23 4.66
C ASN D 220 23.03 -37.51 4.02
N GLY D 221 21.94 -37.36 3.27
CA GLY D 221 21.36 -38.48 2.54
C GLY D 221 20.19 -39.20 3.21
N GLU D 222 20.09 -39.08 4.53
CA GLU D 222 19.03 -39.72 5.35
C GLU D 222 17.70 -38.86 5.44
N GLU D 223 16.66 -39.23 4.69
CA GLU D 223 15.40 -38.43 4.70
C GLU D 223 14.80 -38.29 6.13
N LEU D 224 14.30 -37.12 6.47
CA LEU D 224 13.75 -36.84 7.80
C LEU D 224 12.20 -36.84 7.78
N THR D 225 11.65 -37.61 8.73
CA THR D 225 10.26 -37.99 8.93
C THR D 225 9.77 -37.54 10.32
N GLN D 226 10.47 -38.04 11.36
CA GLN D 226 10.29 -37.62 12.76
C GLN D 226 10.88 -36.18 12.77
N ASP D 227 10.22 -35.22 13.43
CA ASP D 227 10.78 -33.83 13.53
C ASP D 227 10.41 -32.88 12.34
N MET D 228 9.55 -33.36 11.42
CA MET D 228 9.15 -32.59 10.22
C MET D 228 7.77 -31.94 10.39
N GLU D 229 7.75 -30.58 10.37
CA GLU D 229 6.49 -29.76 10.46
C GLU D 229 5.98 -29.29 9.04
N LEU D 230 4.77 -29.70 8.66
CA LEU D 230 4.26 -29.41 7.33
C LEU D 230 3.24 -28.32 7.42
N VAL D 231 2.87 -27.79 6.27
CA VAL D 231 1.59 -27.14 6.12
C VAL D 231 0.98 -27.63 4.83
N GLU D 232 -0.26 -28.11 4.94
CA GLU D 232 -1.10 -28.40 3.79
C GLU D 232 -0.86 -27.30 2.75
N THR D 233 -0.83 -27.75 1.51
CA THR D 233 -0.64 -26.93 0.33
C THR D 233 -1.74 -25.92 0.34
N ARG D 234 -1.51 -24.73 -0.18
CA ARG D 234 -2.42 -23.59 -0.07
C ARG D 234 -2.38 -22.74 -1.33
N PRO D 235 -3.52 -22.21 -1.73
CA PRO D 235 -3.57 -21.31 -2.87
C PRO D 235 -2.89 -19.96 -2.56
N ALA D 236 -2.07 -19.49 -3.48
CA ALA D 236 -1.45 -18.20 -3.39
C ALA D 236 -2.50 -17.12 -3.72
N GLY D 237 -3.53 -17.55 -4.46
CA GLY D 237 -4.66 -16.70 -4.86
C GLY D 237 -4.56 -16.11 -6.26
N ASP D 238 -3.56 -16.58 -7.02
CA ASP D 238 -3.33 -16.21 -8.41
C ASP D 238 -3.46 -17.44 -9.31
N GLY D 239 -3.94 -18.53 -8.73
CA GLY D 239 -4.17 -19.74 -9.45
C GLY D 239 -3.15 -20.77 -9.05
N THR D 240 -2.01 -20.35 -8.49
CA THR D 240 -0.96 -21.31 -8.05
C THR D 240 -0.99 -21.63 -6.55
N PHE D 241 -0.05 -22.47 -6.12
CA PHE D 241 -0.08 -23.01 -4.78
C PHE D 241 1.25 -22.80 -4.04
N GLN D 242 1.16 -22.81 -2.72
CA GLN D 242 2.32 -22.82 -1.84
C GLN D 242 2.36 -24.00 -0.85
N LYS D 243 3.56 -24.26 -0.36
CA LYS D 243 3.70 -25.20 0.70
C LYS D 243 5.03 -24.98 1.27
N TRP D 244 5.18 -25.34 2.52
CA TRP D 244 6.50 -25.48 3.09
C TRP D 244 6.65 -26.66 4.02
N ALA D 245 7.88 -26.89 4.43
CA ALA D 245 8.25 -27.96 5.32
C ALA D 245 9.46 -27.48 6.09
N SER D 246 9.51 -27.75 7.38
CA SER D 246 10.58 -27.24 8.25
C SER D 246 11.12 -28.30 9.21
N VAL D 247 12.34 -28.11 9.64
CA VAL D 247 12.98 -29.00 10.60
C VAL D 247 13.74 -28.15 11.58
N VAL D 248 14.00 -28.68 12.77
CA VAL D 248 14.91 -27.99 13.70
C VAL D 248 16.28 -28.67 13.81
N VAL D 249 17.26 -27.79 13.99
CA VAL D 249 18.61 -28.08 13.61
C VAL D 249 19.53 -27.27 14.53
N PRO D 250 20.63 -27.84 15.01
CA PRO D 250 21.50 -27.10 15.93
C PRO D 250 22.25 -25.97 15.23
N LEU D 251 22.47 -24.85 15.93
CA LEU D 251 23.11 -23.66 15.37
C LEU D 251 24.45 -23.97 14.71
N GLY D 252 24.62 -23.54 13.46
CA GLY D 252 25.88 -23.73 12.75
C GLY D 252 26.03 -25.00 11.90
N LYS D 253 25.01 -25.87 11.87
CA LYS D 253 25.09 -27.11 11.11
C LYS D 253 24.08 -27.12 9.98
N GLU D 254 23.53 -25.95 9.70
CA GLU D 254 22.43 -25.85 8.75
C GLU D 254 22.83 -26.21 7.32
N GLN D 255 24.11 -26.04 7.00
CA GLN D 255 24.61 -26.18 5.63
C GLN D 255 24.80 -27.62 5.16
N ASN D 256 24.51 -28.59 6.03
CA ASN D 256 24.60 -29.99 5.62
C ASN D 256 23.24 -30.70 5.80
N TYR D 257 22.19 -29.90 5.75
CA TYR D 257 20.84 -30.38 5.57
C TYR D 257 20.42 -29.91 4.19
N THR D 258 19.78 -30.76 3.40
CA THR D 258 19.30 -30.37 2.08
C THR D 258 17.80 -30.61 1.88
N CYS D 259 17.17 -29.72 1.12
CA CYS D 259 15.73 -29.74 0.87
C CYS D 259 15.49 -30.16 -0.58
N ARG D 260 14.62 -31.14 -0.81
CA ARG D 260 14.34 -31.66 -2.14
C ARG D 260 12.90 -31.36 -2.50
N VAL D 261 12.65 -30.82 -3.68
CA VAL D 261 11.27 -30.55 -4.09
C VAL D 261 10.92 -31.35 -5.31
N TYR D 262 9.76 -32.00 -5.30
CA TYR D 262 9.36 -32.87 -6.39
C TYR D 262 8.03 -32.35 -6.95
N HIS D 263 8.00 -32.10 -8.26
CA HIS D 263 6.84 -31.60 -8.97
C HIS D 263 7.01 -31.90 -10.44
N GLU D 264 5.90 -32.14 -11.15
CA GLU D 264 5.91 -32.59 -12.55
C GLU D 264 6.20 -31.50 -13.58
N GLY D 265 6.56 -30.31 -13.07
CA GLY D 265 6.89 -29.16 -13.91
C GLY D 265 8.39 -29.13 -14.09
N LEU D 266 9.11 -29.15 -12.97
CA LEU D 266 10.56 -29.36 -12.91
C LEU D 266 10.99 -30.44 -13.91
N PRO D 267 12.11 -30.27 -14.63
CA PRO D 267 12.79 -31.39 -15.35
C PRO D 267 13.77 -32.24 -14.49
N GLU D 268 14.41 -31.60 -13.52
CA GLU D 268 15.17 -32.26 -12.44
C GLU D 268 14.60 -31.71 -11.10
N PRO D 269 14.27 -32.62 -10.17
CA PRO D 269 14.09 -32.26 -8.77
C PRO D 269 15.10 -31.24 -8.22
N LEU D 270 14.67 -30.46 -7.23
CA LEU D 270 15.54 -29.45 -6.64
C LEU D 270 16.12 -29.92 -5.34
N THR D 271 17.30 -29.40 -5.03
CA THR D 271 17.95 -29.60 -3.75
C THR D 271 18.44 -28.22 -3.37
N LEU D 272 18.42 -27.86 -2.08
CA LEU D 272 18.91 -26.54 -1.63
C LEU D 272 19.04 -26.45 -0.08
N ARG D 273 19.96 -25.58 0.37
CA ARG D 273 20.35 -25.42 1.77
C ARG D 273 20.12 -23.95 2.09
N TRP D 274 20.59 -23.47 3.26
CA TRP D 274 20.55 -22.02 3.61
C TRP D 274 21.90 -21.29 3.41
N GLU D 275 21.77 -20.00 3.10
CA GLU D 275 22.85 -19.14 2.60
C GLU D 275 22.52 -17.67 2.96
N PRO D 276 23.30 -17.04 3.86
CA PRO D 276 23.02 -15.68 4.36
C PRO D 276 22.91 -14.55 3.33
N ILE E 2 -22.02 -36.36 10.39
CA ILE E 2 -21.21 -35.61 11.39
C ILE E 2 -20.67 -34.32 10.74
N GLN E 3 -20.40 -33.28 11.56
CA GLN E 3 -19.83 -31.98 11.15
C GLN E 3 -18.30 -31.89 11.32
N ARG E 4 -17.57 -31.31 10.35
CA ARG E 4 -16.10 -31.15 10.41
C ARG E 4 -15.72 -29.66 10.51
N THR E 5 -14.70 -29.32 11.33
CA THR E 5 -14.22 -27.93 11.68
C THR E 5 -13.28 -27.34 10.64
N PRO E 6 -13.44 -26.07 10.34
CA PRO E 6 -12.49 -25.43 9.46
C PRO E 6 -11.06 -25.72 9.90
N LYS E 7 -10.21 -26.08 8.96
CA LYS E 7 -8.77 -25.80 9.05
C LYS E 7 -8.59 -24.34 8.61
N ILE E 8 -7.54 -23.67 9.00
CA ILE E 8 -7.36 -22.27 8.66
C ILE E 8 -5.93 -21.90 8.46
N GLN E 9 -5.57 -21.33 7.33
CA GLN E 9 -4.26 -20.76 7.28
C GLN E 9 -4.40 -19.36 6.89
N VAL E 10 -3.47 -18.55 7.39
CA VAL E 10 -3.45 -17.14 7.05
C VAL E 10 -2.03 -16.80 6.63
N TYR E 11 -1.91 -16.10 5.52
CA TYR E 11 -0.63 -15.94 4.87
C TYR E 11 -0.64 -14.92 3.74
N SER E 12 0.54 -14.49 3.32
CA SER E 12 0.68 -13.59 2.22
C SER E 12 0.94 -14.35 0.94
N ARG E 13 0.41 -13.83 -0.14
CA ARG E 13 0.63 -14.32 -1.45
C ARG E 13 2.08 -14.25 -1.82
N HIS E 14 2.78 -13.20 -1.39
CA HIS E 14 4.22 -13.16 -1.60
C HIS E 14 4.85 -12.95 -0.23
N PRO E 15 6.19 -13.15 -0.15
CA PRO E 15 6.96 -12.84 1.05
C PRO E 15 6.78 -11.37 1.51
N ALA E 16 6.50 -11.20 2.80
CA ALA E 16 6.23 -9.87 3.28
C ALA E 16 7.47 -9.02 3.11
N GLU E 17 7.28 -7.82 2.62
CA GLU E 17 8.37 -6.86 2.52
C GLU E 17 7.80 -5.55 3.04
N ASN E 18 8.26 -5.05 4.18
CA ASN E 18 7.60 -3.89 4.78
C ASN E 18 7.44 -2.80 3.73
N GLY E 19 6.22 -2.26 3.62
CA GLY E 19 5.89 -1.19 2.69
C GLY E 19 5.49 -1.54 1.26
N LYS E 20 5.57 -2.80 0.86
CA LYS E 20 5.14 -3.17 -0.49
C LYS E 20 3.72 -3.74 -0.41
N SER E 21 2.82 -3.18 -1.21
CA SER E 21 1.49 -3.80 -1.32
C SER E 21 1.61 -5.25 -1.82
N ASN E 22 0.70 -6.03 -1.28
CA ASN E 22 0.74 -7.49 -1.31
C ASN E 22 -0.75 -7.83 -1.21
N PHE E 23 -1.02 -9.13 -0.99
CA PHE E 23 -2.32 -9.66 -0.65
C PHE E 23 -2.22 -10.56 0.61
N LEU E 24 -3.17 -10.32 1.52
CA LEU E 24 -3.39 -11.12 2.72
C LEU E 24 -4.48 -12.21 2.42
N ASN E 25 -4.16 -13.47 2.68
CA ASN E 25 -5.02 -14.61 2.36
C ASN E 25 -5.46 -15.38 3.61
N CYS E 26 -6.72 -15.69 3.75
CA CYS E 26 -7.09 -16.61 4.79
C CYS E 26 -7.80 -17.76 4.15
N TYR E 27 -7.20 -18.96 4.16
CA TYR E 27 -7.72 -20.11 3.44
C TYR E 27 -8.37 -20.97 4.46
N VAL E 28 -9.66 -21.22 4.29
CA VAL E 28 -10.41 -22.10 5.15
C VAL E 28 -10.82 -23.30 4.33
N SER E 29 -10.76 -24.49 4.91
CA SER E 29 -10.93 -25.79 4.19
C SER E 29 -11.27 -26.96 5.13
N GLY E 30 -11.66 -28.10 4.58
CA GLY E 30 -11.98 -29.24 5.43
C GLY E 30 -13.17 -29.04 6.36
N PHE E 31 -13.99 -28.01 6.13
CA PHE E 31 -15.16 -27.80 6.94
C PHE E 31 -16.44 -28.33 6.36
N HIS E 32 -17.44 -28.50 7.22
CA HIS E 32 -18.76 -28.91 6.79
C HIS E 32 -19.71 -28.70 7.92
N PRO E 33 -20.90 -28.19 7.66
CA PRO E 33 -21.36 -27.70 6.37
C PRO E 33 -20.64 -26.49 5.85
N SER E 34 -21.23 -25.82 4.87
CA SER E 34 -20.59 -24.75 4.07
C SER E 34 -20.70 -23.36 4.68
N ASP E 35 -21.78 -23.09 5.45
CA ASP E 35 -21.97 -21.74 6.11
C ASP E 35 -20.69 -21.47 6.90
N ILE E 36 -20.08 -20.32 6.60
CA ILE E 36 -18.86 -19.87 7.23
C ILE E 36 -18.68 -18.32 7.14
N GLU E 37 -18.53 -17.67 8.28
CA GLU E 37 -18.30 -16.23 8.35
C GLU E 37 -16.78 -16.03 8.47
N VAL E 38 -16.17 -15.30 7.54
CA VAL E 38 -14.73 -15.07 7.62
C VAL E 38 -14.35 -13.59 7.45
N ASP E 39 -13.55 -13.10 8.40
CA ASP E 39 -13.06 -11.71 8.39
C ASP E 39 -11.55 -11.68 8.45
N LEU E 40 -10.99 -10.69 7.80
CA LEU E 40 -9.60 -10.39 8.03
C LEU E 40 -9.48 -9.13 8.91
N LEU E 41 -8.54 -9.19 9.87
CA LEU E 41 -8.42 -8.14 10.87
C LEU E 41 -7.10 -7.42 10.69
N LYS E 42 -7.14 -6.08 10.69
CA LYS E 42 -5.96 -5.22 10.95
C LYS E 42 -6.10 -4.66 12.35
N ASN E 43 -5.08 -4.92 13.18
CA ASN E 43 -5.11 -4.67 14.62
C ASN E 43 -6.49 -4.93 15.26
N GLY E 44 -7.00 -6.15 15.04
CA GLY E 44 -8.22 -6.62 15.71
C GLY E 44 -9.52 -5.97 15.27
N GLU E 45 -9.46 -4.95 14.38
CA GLU E 45 -10.64 -4.39 13.70
C GLU E 45 -10.82 -4.97 12.28
N ARG E 46 -12.06 -5.01 11.83
CA ARG E 46 -12.44 -5.72 10.59
C ARG E 46 -12.02 -4.89 9.34
N ILE E 47 -11.41 -5.56 8.37
CA ILE E 47 -11.11 -5.02 7.03
C ILE E 47 -12.36 -5.15 6.13
N GLU E 48 -12.67 -4.14 5.31
CA GLU E 48 -13.94 -4.13 4.54
C GLU E 48 -13.89 -4.66 3.06
N LYS E 49 -12.73 -4.67 2.37
CA LYS E 49 -12.70 -5.06 0.94
C LYS E 49 -12.19 -6.44 0.82
N VAL E 50 -12.79 -7.32 1.63
CA VAL E 50 -12.38 -8.75 1.68
C VAL E 50 -13.06 -9.43 0.52
N GLU E 51 -12.33 -9.90 -0.45
CA GLU E 51 -12.96 -10.65 -1.54
C GLU E 51 -12.78 -12.20 -1.39
N HIS E 52 -13.65 -13.04 -1.94
CA HIS E 52 -13.52 -14.50 -1.86
C HIS E 52 -13.75 -15.34 -3.12
N SER E 53 -13.17 -16.58 -3.13
CA SER E 53 -13.26 -17.54 -4.24
C SER E 53 -14.59 -18.23 -4.15
N ASP E 54 -15.02 -18.88 -5.22
CA ASP E 54 -16.36 -19.44 -5.23
C ASP E 54 -16.24 -20.74 -4.53
N LEU E 55 -17.35 -21.28 -4.08
CA LEU E 55 -17.34 -22.42 -3.16
C LEU E 55 -16.92 -23.73 -3.88
N SER E 56 -16.24 -24.60 -3.16
CA SER E 56 -15.81 -25.82 -3.77
C SER E 56 -15.71 -26.90 -2.76
N PHE E 57 -15.63 -28.15 -3.23
CA PHE E 57 -15.37 -29.23 -2.30
C PHE E 57 -14.41 -30.27 -2.78
N SER E 58 -13.77 -30.90 -1.81
CA SER E 58 -12.70 -31.82 -2.12
C SER E 58 -13.37 -33.18 -2.17
N LYS E 59 -12.52 -34.17 -2.52
CA LYS E 59 -13.06 -35.46 -2.79
C LYS E 59 -13.57 -36.02 -1.50
N ASP E 60 -13.10 -35.57 -0.34
CA ASP E 60 -13.71 -36.06 0.90
C ASP E 60 -15.05 -35.41 1.23
N TRP E 61 -15.55 -34.63 0.28
CA TRP E 61 -16.84 -33.91 0.43
C TRP E 61 -16.76 -32.59 1.10
N SER E 62 -15.61 -32.25 1.68
CA SER E 62 -15.43 -31.05 2.52
C SER E 62 -15.19 -29.83 1.72
N PHE E 63 -15.50 -28.67 2.29
CA PHE E 63 -15.49 -27.39 1.58
C PHE E 63 -14.20 -26.56 1.71
N TYR E 64 -13.88 -25.82 0.67
CA TYR E 64 -12.78 -24.89 0.75
C TYR E 64 -12.98 -23.61 0.00
N LEU E 65 -12.43 -22.56 0.59
CA LEU E 65 -12.63 -21.21 0.16
C LEU E 65 -11.40 -20.44 0.44
N LEU E 66 -11.20 -19.37 -0.32
CA LEU E 66 -10.09 -18.47 -0.09
C LEU E 66 -10.59 -17.03 0.04
N TYR E 67 -10.33 -16.39 1.20
CA TYR E 67 -10.64 -14.97 1.41
C TYR E 67 -9.35 -14.21 1.22
N TYR E 68 -9.43 -12.97 0.76
CA TYR E 68 -8.20 -12.19 0.49
C TYR E 68 -8.46 -10.70 0.34
N THR E 69 -7.43 -9.91 0.60
CA THR E 69 -7.58 -8.46 0.43
C THR E 69 -6.21 -7.92 0.14
N GLU E 70 -6.14 -6.77 -0.55
CA GLU E 70 -4.83 -6.16 -0.78
C GLU E 70 -4.39 -5.60 0.52
N PHE E 71 -3.11 -5.76 0.83
CA PHE E 71 -2.57 -5.04 1.98
C PHE E 71 -1.11 -4.69 1.90
N THR E 72 -0.72 -3.74 2.77
CA THR E 72 0.68 -3.43 2.99
C THR E 72 1.12 -3.71 4.42
N PRO E 73 1.91 -4.76 4.53
CA PRO E 73 2.75 -5.02 5.69
C PRO E 73 3.58 -3.83 6.12
N THR E 74 3.59 -3.65 7.42
CA THR E 74 4.55 -2.76 8.04
C THR E 74 5.11 -3.53 9.20
N GLU E 75 6.14 -2.98 9.85
CA GLU E 75 6.74 -3.63 11.02
C GLU E 75 5.74 -3.92 12.17
N LYS E 76 4.92 -2.89 12.51
CA LYS E 76 4.11 -2.80 13.76
C LYS E 76 2.66 -3.34 13.69
N ASP E 77 2.13 -3.43 12.47
CA ASP E 77 0.78 -3.94 12.23
C ASP E 77 0.54 -5.41 12.19
N GLU E 78 -0.57 -5.73 12.85
CA GLU E 78 -1.00 -7.08 13.15
C GLU E 78 -2.18 -7.46 12.25
N TYR E 79 -1.96 -8.43 11.39
CA TYR E 79 -3.04 -9.01 10.62
C TYR E 79 -3.45 -10.36 11.25
N ALA E 80 -4.66 -10.82 10.94
CA ALA E 80 -5.24 -12.01 11.54
C ALA E 80 -6.44 -12.52 10.74
N CYS E 81 -6.93 -13.69 11.06
CA CYS E 81 -8.14 -14.07 10.41
C CYS E 81 -9.08 -14.61 11.43
N ARG E 82 -10.32 -14.15 11.39
CA ARG E 82 -11.36 -14.58 12.32
C ARG E 82 -12.29 -15.42 11.48
N VAL E 83 -12.85 -16.46 12.10
CA VAL E 83 -13.68 -17.49 11.45
C VAL E 83 -14.77 -18.09 12.39
N ASN E 84 -15.99 -18.19 11.91
CA ASN E 84 -17.04 -18.70 12.77
C ASN E 84 -17.75 -19.78 12.01
N HIS E 85 -17.93 -20.89 12.69
CA HIS E 85 -18.54 -22.08 12.14
C HIS E 85 -19.42 -22.79 13.20
N VAL E 86 -20.50 -23.46 12.80
CA VAL E 86 -21.34 -24.18 13.75
C VAL E 86 -20.49 -25.15 14.62
N THR E 87 -19.34 -25.60 14.11
CA THR E 87 -18.41 -26.46 14.88
C THR E 87 -17.74 -25.72 16.03
N LEU E 88 -17.51 -24.43 15.82
CA LEU E 88 -16.85 -23.62 16.83
C LEU E 88 -17.90 -23.06 17.79
N SER E 89 -17.48 -22.76 19.02
CA SER E 89 -18.33 -22.04 19.99
C SER E 89 -17.90 -20.59 20.03
N GLN E 90 -16.60 -20.37 20.12
CA GLN E 90 -16.05 -19.02 19.98
C GLN E 90 -15.44 -18.93 18.56
N PRO E 91 -15.53 -17.76 17.92
CA PRO E 91 -14.74 -17.56 16.69
C PRO E 91 -13.26 -17.91 16.97
N LYS E 92 -12.61 -18.59 16.03
CA LYS E 92 -11.18 -18.85 16.10
C LYS E 92 -10.44 -17.75 15.35
N ILE E 93 -9.52 -17.13 16.06
CA ILE E 93 -8.71 -16.04 15.51
C ILE E 93 -7.31 -16.58 15.30
N VAL E 94 -6.87 -16.58 14.07
CA VAL E 94 -5.52 -16.95 13.76
C VAL E 94 -4.76 -15.73 13.25
N LYS E 95 -3.69 -15.40 13.96
CA LYS E 95 -2.79 -14.30 13.61
C LYS E 95 -1.93 -14.63 12.39
N TRP E 96 -1.51 -13.61 11.69
CA TRP E 96 -0.71 -13.80 10.47
C TRP E 96 0.69 -13.84 10.94
N ASP E 97 1.51 -14.70 10.36
CA ASP E 97 2.94 -14.74 10.66
C ASP E 97 3.62 -14.72 9.29
N ARG E 98 4.42 -13.67 9.05
CA ARG E 98 5.37 -13.60 7.93
C ARG E 98 6.06 -14.91 7.62
N ASP E 99 6.61 -15.54 8.65
CA ASP E 99 7.56 -16.64 8.49
C ASP E 99 6.85 -17.97 8.30
N MET E 100 5.55 -17.86 8.03
CA MET E 100 4.64 -19.03 7.92
C MET E 100 3.38 -18.78 7.05
N LYS F 1 -20.20 -32.14 -20.44
CA LYS F 1 -21.71 -32.11 -20.37
C LYS F 1 -22.05 -32.85 -19.09
N ALA F 2 -22.98 -32.30 -18.34
CA ALA F 2 -23.33 -32.82 -17.02
C ALA F 2 -24.38 -33.91 -17.08
N VAL F 3 -24.40 -34.69 -16.01
CA VAL F 3 -25.30 -35.81 -15.86
C VAL F 3 -26.58 -35.18 -15.46
N TYR F 4 -27.72 -35.82 -15.76
CA TYR F 4 -29.00 -35.45 -15.17
C TYR F 4 -29.59 -36.63 -14.45
N ASN F 5 -29.99 -36.41 -13.22
CA ASN F 5 -30.42 -37.50 -12.37
C ASN F 5 -31.82 -38.02 -12.73
N PHE F 6 -32.05 -39.26 -12.31
CA PHE F 6 -33.24 -40.00 -12.59
C PHE F 6 -34.00 -40.13 -11.28
N ALA F 7 -34.24 -41.32 -10.79
CA ALA F 7 -35.10 -41.38 -9.63
C ALA F 7 -34.53 -40.58 -8.51
N THR F 8 -35.39 -39.97 -7.73
CA THR F 8 -34.96 -39.17 -6.57
C THR F 8 -34.73 -40.13 -5.43
N MET F 9 -34.30 -39.60 -4.29
CA MET F 9 -33.81 -40.56 -3.29
C MET F 9 -35.00 -41.02 -2.51
#